data_8TCR
#
_entry.id   8TCR
#
_cell.length_a   47.517
_cell.length_b   113.679
_cell.length_c   208.580
_cell.angle_alpha   90.00
_cell.angle_beta   90.00
_cell.angle_gamma   90.00
#
_symmetry.space_group_name_H-M   'P 21 21 21'
#
loop_
_entity.id
_entity.type
_entity.pdbx_description
1 polymer 'Sugar phosphate isomerase'
2 non-polymer 'MALONATE ION'
3 non-polymer alpha-D-glucopyranose
4 non-polymer 'COBALT (II) ION'
5 water water
#
_entity_poly.entity_id   1
_entity_poly.type   'polypeptide(L)'
_entity_poly.pdbx_seq_one_letter_code
;MKAKKDAKKDIGIQLYSVRDLIGSFGRNQHDYKPVLKALADMGYTSIEAASYNDGKFYGNTPEEFRRDVEAVGMKVLSSH
CGKGLSDEELASGDFSESMKWWDQCIAAHKAAGMEYIVTPYLPVPKTLKEMQTYCDYLNAIGKKCREAGIKYGYHNHAHE
FQKIEDKAVMLDYMIENTDPENLFIELDVYWAVMGKASPVDYFHKYPGRFKMLHIKDRREIGQSGMVGFDAIFENAKTAG
VENIIVEVEQYSYDVEKSVKLSLDYLLEAPFVKASYSKLEHHHHHH
;
_entity_poly.pdbx_strand_id   C,B,A,D
#
loop_
_chem_comp.id
_chem_comp.type
_chem_comp.name
_chem_comp.formula
CO non-polymer 'COBALT (II) ION' 'Co 2'
GLC D-saccharide, alpha linking alpha-D-glucopyranose 'C6 H12 O6'
MLI non-polymer 'MALONATE ION' 'C3 H2 O4 -2'
#
# COMPACT_ATOMS: atom_id res chain seq x y z
N LYS A 8 30.32 12.02 38.11
CA LYS A 8 29.29 12.89 38.75
C LYS A 8 28.44 13.57 37.67
N LYS A 9 27.15 13.22 37.66
CA LYS A 9 26.22 13.63 36.62
C LYS A 9 24.89 13.90 37.32
N ASP A 10 24.06 14.74 36.70
CA ASP A 10 22.76 15.07 37.25
C ASP A 10 21.77 14.03 36.72
N ILE A 11 21.41 13.11 37.61
CA ILE A 11 20.56 11.99 37.29
C ILE A 11 19.50 11.84 38.37
N GLY A 12 18.23 11.78 37.97
CA GLY A 12 17.16 11.71 38.93
C GLY A 12 16.67 10.29 39.12
N ILE A 13 15.79 10.11 40.13
CA ILE A 13 15.25 8.80 40.42
C ILE A 13 13.76 8.90 40.67
N GLN A 14 12.99 8.04 39.99
CA GLN A 14 11.56 7.93 40.17
C GLN A 14 11.38 7.14 41.47
N LEU A 15 10.67 7.74 42.43
CA LEU A 15 10.53 7.11 43.74
C LEU A 15 9.62 5.89 43.67
N TYR A 16 8.91 5.71 42.56
CA TYR A 16 8.17 4.50 42.29
C TYR A 16 9.11 3.31 42.37
N SER A 17 10.37 3.56 41.99
CA SER A 17 11.40 2.54 41.91
C SER A 17 11.61 1.89 43.26
N VAL A 18 11.38 2.64 44.35
CA VAL A 18 11.56 2.11 45.68
C VAL A 18 10.22 2.03 46.40
N ARG A 19 9.13 1.80 45.66
CA ARG A 19 7.79 1.78 46.23
C ARG A 19 7.65 0.62 47.22
N ASP A 20 8.45 -0.44 47.05
CA ASP A 20 8.40 -1.56 47.97
C ASP A 20 8.89 -1.15 49.35
N LEU A 21 9.65 -0.05 49.44
CA LEU A 21 10.21 0.44 50.70
C LEU A 21 9.44 1.64 51.24
N ILE A 22 8.89 2.49 50.38
CA ILE A 22 8.28 3.71 50.88
C ILE A 22 6.83 3.82 50.44
N GLY A 23 6.37 2.93 49.56
CA GLY A 23 5.00 2.99 49.06
C GLY A 23 4.86 3.90 47.85
N SER A 24 3.62 4.03 47.37
CA SER A 24 3.32 4.77 46.15
C SER A 24 1.82 5.09 46.09
N PHE A 25 1.50 6.24 45.46
CA PHE A 25 0.13 6.60 45.07
C PHE A 25 -0.83 6.37 46.23
N GLY A 26 -0.43 6.83 47.42
CA GLY A 26 -1.29 6.84 48.57
C GLY A 26 -1.24 5.54 49.37
N ARG A 27 -0.25 4.67 49.16
CA ARG A 27 -0.25 3.46 49.97
C ARG A 27 1.14 2.88 50.26
N ASN A 28 1.12 1.93 51.22
CA ASN A 28 2.19 1.05 51.68
C ASN A 28 3.27 1.80 52.46
N GLN A 29 2.89 2.95 53.02
CA GLN A 29 3.84 3.98 53.44
C GLN A 29 4.84 3.46 54.47
N HIS A 30 6.10 3.85 54.30
CA HIS A 30 7.05 3.79 55.39
C HIS A 30 7.70 5.17 55.56
N ASP A 31 8.57 5.26 56.55
CA ASP A 31 9.42 6.42 56.64
C ASP A 31 10.29 6.41 55.39
N TYR A 32 10.09 7.37 54.48
CA TYR A 32 10.88 7.43 53.24
C TYR A 32 12.30 7.97 53.48
N LYS A 33 12.61 8.51 54.66
CA LYS A 33 13.84 9.26 54.85
C LYS A 33 15.11 8.42 54.74
N PRO A 34 15.18 7.21 55.31
CA PRO A 34 16.38 6.40 55.12
C PRO A 34 16.68 6.04 53.66
N VAL A 35 15.64 5.79 52.87
CA VAL A 35 15.77 5.46 51.45
C VAL A 35 16.23 6.68 50.66
N LEU A 36 15.63 7.84 50.95
CA LEU A 36 16.08 9.09 50.36
C LEU A 36 17.59 9.20 50.57
N LYS A 37 18.05 8.93 51.79
CA LYS A 37 19.47 9.09 52.08
C LYS A 37 20.30 8.10 51.26
N ALA A 38 19.85 6.84 51.17
CA ALA A 38 20.59 5.85 50.39
C ALA A 38 20.66 6.28 48.93
N LEU A 39 19.54 6.78 48.37
CA LEU A 39 19.52 7.19 46.97
C LEU A 39 20.50 8.34 46.75
N ALA A 40 20.49 9.27 47.71
CA ALA A 40 21.42 10.39 47.68
C ALA A 40 22.86 9.88 47.71
N ASP A 41 23.17 8.97 48.64
CA ASP A 41 24.51 8.44 48.80
C ASP A 41 24.95 7.66 47.57
N MET A 42 24.02 6.97 46.90
CA MET A 42 24.33 6.33 45.62
C MET A 42 24.81 7.34 44.60
N GLY A 43 24.22 8.54 44.67
CA GLY A 43 24.62 9.62 43.79
C GLY A 43 23.47 10.13 42.91
N TYR A 44 22.22 9.75 43.20
CA TYR A 44 21.10 10.39 42.54
C TYR A 44 21.03 11.84 42.99
N THR A 45 20.68 12.76 42.08
CA THR A 45 20.79 14.18 42.37
C THR A 45 19.42 14.82 42.45
N SER A 46 18.40 14.17 41.90
CA SER A 46 17.04 14.68 41.98
C SER A 46 16.06 13.53 42.18
N ILE A 47 14.85 13.86 42.67
CA ILE A 47 13.77 12.89 42.80
C ILE A 47 12.59 13.29 41.90
N GLU A 48 11.86 12.29 41.38
CA GLU A 48 10.50 12.48 40.93
C GLU A 48 9.55 11.67 41.83
N ALA A 49 8.63 12.37 42.49
CA ALA A 49 7.74 11.70 43.44
C ALA A 49 6.72 10.82 42.72
N ALA A 50 6.15 9.88 43.48
CA ALA A 50 5.08 9.03 43.02
C ALA A 50 4.01 8.80 44.10
N SER A 51 3.64 9.84 44.86
CA SER A 51 2.62 9.74 45.91
C SER A 51 2.11 11.11 46.36
N TYR A 52 1.35 11.78 45.49
CA TYR A 52 0.71 13.04 45.78
C TYR A 52 -0.76 12.76 46.09
N ASN A 53 -1.31 13.36 47.14
CA ASN A 53 -2.73 13.20 47.46
C ASN A 53 -3.16 14.28 48.45
N ASP A 54 -4.26 14.98 48.12
CA ASP A 54 -4.94 15.91 49.01
C ASP A 54 -3.95 16.88 49.65
N GLY A 55 -3.10 17.50 48.81
CA GLY A 55 -2.20 18.55 49.25
C GLY A 55 -0.89 18.03 49.86
N LYS A 56 -0.70 16.71 49.88
CA LYS A 56 0.41 16.11 50.62
C LYS A 56 1.21 15.12 49.77
N PHE A 57 2.49 14.96 50.17
CA PHE A 57 3.44 14.06 49.53
C PHE A 57 3.82 12.95 50.49
N TYR A 58 3.48 11.70 50.13
CA TYR A 58 3.75 10.55 51.00
C TYR A 58 3.17 10.83 52.37
N GLY A 59 2.00 11.49 52.40
CA GLY A 59 1.31 11.79 53.64
C GLY A 59 1.86 13.03 54.34
N ASN A 60 2.88 13.71 53.79
CA ASN A 60 3.47 14.85 54.49
C ASN A 60 3.13 16.17 53.81
N THR A 61 3.33 17.28 54.53
CA THR A 61 3.08 18.58 53.95
C THR A 61 4.16 18.86 52.92
N PRO A 62 3.85 19.72 51.91
CA PRO A 62 4.86 20.08 50.92
C PRO A 62 6.14 20.62 51.55
N GLU A 63 5.99 21.40 52.63
CA GLU A 63 7.11 21.98 53.36
C GLU A 63 8.00 20.87 53.94
N GLU A 64 7.38 19.86 54.55
CA GLU A 64 8.14 18.79 55.20
C GLU A 64 8.81 17.92 54.15
N PHE A 65 8.10 17.61 53.07
CA PHE A 65 8.63 16.79 51.99
C PHE A 65 9.85 17.50 51.40
N ARG A 66 9.67 18.79 51.09
CA ARG A 66 10.76 19.59 50.55
C ARG A 66 11.94 19.58 51.51
N ARG A 67 11.69 19.83 52.80
CA ARG A 67 12.75 19.80 53.80
C ARG A 67 13.45 18.43 53.81
N ASP A 68 12.66 17.35 53.75
CA ASP A 68 13.23 16.01 53.91
C ASP A 68 14.12 15.73 52.71
N VAL A 69 13.68 16.14 51.52
CA VAL A 69 14.45 15.86 50.32
C VAL A 69 15.69 16.73 50.33
N GLU A 70 15.52 17.99 50.72
CA GLU A 70 16.63 18.91 50.76
C GLU A 70 17.65 18.42 51.78
N ALA A 71 17.18 17.81 52.89
CA ALA A 71 18.09 17.35 53.94
C ALA A 71 19.12 16.36 53.40
N VAL A 72 18.79 15.55 52.39
CA VAL A 72 19.71 14.53 51.94
C VAL A 72 20.45 15.00 50.68
N GLY A 73 20.22 16.25 50.28
CA GLY A 73 21.03 16.88 49.25
C GLY A 73 20.50 16.64 47.83
N MET A 74 19.22 16.32 47.67
CA MET A 74 18.71 16.04 46.33
C MET A 74 17.73 17.13 45.93
N LYS A 75 17.54 17.30 44.61
CA LYS A 75 16.62 18.31 44.09
C LYS A 75 15.19 17.78 44.17
N VAL A 76 14.27 18.59 44.67
CA VAL A 76 12.89 18.17 44.55
C VAL A 76 12.40 18.67 43.18
N LEU A 77 12.40 17.76 42.21
CA LEU A 77 12.36 18.11 40.80
C LEU A 77 10.96 17.95 40.22
N SER A 78 10.39 16.75 40.33
CA SER A 78 9.21 16.38 39.60
C SER A 78 8.31 15.47 40.43
N SER A 79 7.13 15.19 39.89
CA SER A 79 6.10 14.48 40.64
C SER A 79 5.10 13.92 39.66
N HIS A 80 4.77 12.62 39.82
CA HIS A 80 3.70 12.00 39.08
C HIS A 80 2.39 12.06 39.87
N CYS A 81 1.38 12.66 39.24
CA CYS A 81 0.04 12.71 39.79
C CYS A 81 -0.88 13.19 38.68
N GLY A 82 -2.18 13.03 38.89
CA GLY A 82 -3.10 13.18 37.79
C GLY A 82 -4.54 13.03 38.27
N LYS A 83 -5.46 13.33 37.36
CA LYS A 83 -6.87 13.25 37.63
C LYS A 83 -7.49 13.16 36.25
N GLY A 84 -8.04 11.99 35.93
CA GLY A 84 -8.68 11.75 34.65
C GLY A 84 -10.07 12.37 34.62
N LEU A 85 -10.63 12.51 33.42
CA LEU A 85 -11.97 13.06 33.24
C LEU A 85 -13.01 11.97 33.46
N SER A 86 -14.12 12.29 34.14
CA SER A 86 -15.23 11.34 34.25
C SER A 86 -15.90 11.16 32.89
N ASP A 87 -16.75 10.15 32.76
CA ASP A 87 -17.45 9.96 31.51
C ASP A 87 -18.40 11.11 31.25
N GLU A 88 -18.90 11.73 32.34
CA GLU A 88 -19.78 12.89 32.25
C GLU A 88 -19.01 14.08 31.69
N GLU A 89 -17.79 14.30 32.18
CA GLU A 89 -16.96 15.39 31.71
C GLU A 89 -16.58 15.19 30.24
N LEU A 90 -16.32 13.95 29.84
CA LEU A 90 -15.95 13.64 28.47
C LEU A 90 -17.14 13.89 27.55
N ALA A 91 -18.33 13.43 27.95
CA ALA A 91 -19.53 13.55 27.14
C ALA A 91 -19.96 15.02 27.05
N SER A 92 -19.83 15.77 28.15
CA SER A 92 -20.26 17.17 28.13
C SER A 92 -19.18 18.02 27.46
N GLY A 93 -17.94 17.52 27.42
CA GLY A 93 -16.81 18.36 27.04
C GLY A 93 -16.50 19.44 28.08
N ASP A 94 -17.13 19.37 29.25
CA ASP A 94 -16.95 20.41 30.26
C ASP A 94 -16.24 19.85 31.50
N PHE A 95 -14.96 20.17 31.68
CA PHE A 95 -14.21 19.56 32.75
C PHE A 95 -13.88 20.56 33.85
N SER A 96 -14.82 21.48 34.15
CA SER A 96 -14.54 22.57 35.08
C SER A 96 -14.36 22.08 36.52
N GLU A 97 -15.06 21.00 36.94
CA GLU A 97 -14.98 20.54 38.32
C GLU A 97 -13.58 20.02 38.62
N SER A 98 -12.94 19.44 37.60
CA SER A 98 -11.61 18.87 37.76
C SER A 98 -10.60 19.94 38.12
N MET A 99 -10.84 21.20 37.72
CA MET A 99 -9.81 22.21 37.77
C MET A 99 -9.53 22.61 39.22
N LYS A 100 -10.49 22.43 40.12
CA LYS A 100 -10.30 22.80 41.52
C LYS A 100 -9.26 21.89 42.15
N TRP A 101 -9.30 20.59 41.80
CA TRP A 101 -8.31 19.65 42.25
C TRP A 101 -6.92 20.11 41.80
N TRP A 102 -6.81 20.70 40.61
CA TRP A 102 -5.51 21.13 40.09
C TRP A 102 -5.00 22.39 40.81
N ASP A 103 -5.91 23.27 41.27
CA ASP A 103 -5.47 24.44 42.03
C ASP A 103 -4.75 23.97 43.29
N GLN A 104 -5.36 23.01 44.02
CA GLN A 104 -4.73 22.43 45.19
C GLN A 104 -3.41 21.76 44.81
N CYS A 105 -3.43 20.93 43.76
CA CYS A 105 -2.26 20.16 43.37
C CYS A 105 -1.10 21.10 42.99
N ILE A 106 -1.37 22.12 42.19
CA ILE A 106 -0.34 23.04 41.71
C ILE A 106 0.24 23.86 42.87
N ALA A 107 -0.61 24.33 43.79
CA ALA A 107 -0.13 25.07 44.95
C ALA A 107 0.75 24.17 45.83
N ALA A 108 0.41 22.89 45.97
CA ALA A 108 1.18 22.01 46.81
C ALA A 108 2.54 21.74 46.16
N HIS A 109 2.58 21.59 44.84
CA HIS A 109 3.82 21.36 44.12
C HIS A 109 4.72 22.58 44.17
N LYS A 110 4.12 23.77 44.09
CA LYS A 110 4.92 24.99 44.16
C LYS A 110 5.51 25.11 45.57
N ALA A 111 4.72 24.77 46.60
CA ALA A 111 5.21 24.86 47.97
C ALA A 111 6.36 23.86 48.18
N ALA A 112 6.35 22.76 47.43
CA ALA A 112 7.39 21.76 47.58
C ALA A 112 8.64 22.11 46.75
N GLY A 113 8.58 23.14 45.91
CA GLY A 113 9.73 23.53 45.11
C GLY A 113 9.73 22.89 43.72
N MET A 114 8.67 22.15 43.38
CA MET A 114 8.73 21.31 42.19
C MET A 114 8.89 22.14 40.93
N GLU A 115 9.67 21.60 40.00
CA GLU A 115 9.86 22.23 38.70
C GLU A 115 8.85 21.63 37.71
N TYR A 116 8.48 20.37 37.88
CA TYR A 116 7.53 19.78 36.94
C TYR A 116 6.44 19.01 37.69
N ILE A 117 5.30 18.89 37.01
CA ILE A 117 4.24 17.95 37.35
C ILE A 117 3.97 17.11 36.12
N VAL A 118 3.91 15.79 36.27
CA VAL A 118 3.68 14.90 35.15
C VAL A 118 2.53 13.95 35.48
N THR A 119 1.55 13.93 34.59
CA THR A 119 0.50 12.93 34.63
C THR A 119 1.09 11.61 34.10
N PRO A 120 1.00 10.54 34.93
CA PRO A 120 1.62 9.27 34.59
C PRO A 120 0.84 8.39 33.62
N TYR A 121 -0.46 8.63 33.46
CA TYR A 121 -1.31 7.73 32.69
C TYR A 121 -2.61 8.39 32.29
N LEU A 122 -3.01 8.26 31.02
CA LEU A 122 -4.38 8.47 30.57
C LEU A 122 -4.77 7.27 29.72
N PRO A 123 -6.04 6.80 29.83
CA PRO A 123 -6.54 5.75 28.95
C PRO A 123 -6.60 6.23 27.51
N VAL A 124 -6.46 5.28 26.59
CA VAL A 124 -6.77 5.46 25.18
C VAL A 124 -8.25 5.81 25.08
N PRO A 125 -8.65 6.98 24.56
CA PRO A 125 -10.08 7.29 24.44
C PRO A 125 -10.65 6.58 23.22
N LYS A 126 -11.99 6.54 23.19
CA LYS A 126 -12.71 5.81 22.16
C LYS A 126 -12.76 6.58 20.84
N THR A 127 -12.69 7.92 20.89
CA THR A 127 -12.95 8.75 19.73
C THR A 127 -11.97 9.91 19.73
N LEU A 128 -11.70 10.43 18.53
CA LEU A 128 -10.92 11.64 18.38
C LEU A 128 -11.55 12.80 19.13
N LYS A 129 -12.89 12.84 19.21
CA LYS A 129 -13.56 13.91 19.93
C LYS A 129 -13.19 13.85 21.42
N GLU A 130 -13.14 12.64 21.97
CA GLU A 130 -12.72 12.43 23.35
C GLU A 130 -11.27 12.85 23.51
N MET A 131 -10.42 12.47 22.56
CA MET A 131 -9.00 12.80 22.60
C MET A 131 -8.90 14.33 22.60
N GLN A 132 -9.67 14.96 21.73
CA GLN A 132 -9.62 16.41 21.66
C GLN A 132 -9.98 17.00 23.01
N THR A 133 -10.98 16.45 23.72
CA THR A 133 -11.37 16.98 25.02
C THR A 133 -10.21 16.82 26.01
N TYR A 134 -9.51 15.69 25.95
CA TYR A 134 -8.31 15.47 26.75
C TYR A 134 -7.25 16.53 26.42
N CYS A 135 -7.09 16.84 25.15
CA CYS A 135 -6.13 17.88 24.78
C CYS A 135 -6.53 19.22 25.39
N ASP A 136 -7.82 19.57 25.32
CA ASP A 136 -8.29 20.81 25.92
C ASP A 136 -7.95 20.81 27.42
N TYR A 137 -8.18 19.67 28.07
CA TYR A 137 -7.90 19.52 29.51
C TYR A 137 -6.41 19.64 29.79
N LEU A 138 -5.57 18.93 29.03
CA LEU A 138 -4.13 19.02 29.21
C LEU A 138 -3.67 20.46 29.03
N ASN A 139 -4.18 21.14 27.99
CA ASN A 139 -3.78 22.52 27.75
C ASN A 139 -4.16 23.38 28.95
N ALA A 140 -5.41 23.23 29.43
CA ALA A 140 -5.91 23.99 30.57
C ALA A 140 -5.05 23.75 31.81
N ILE A 141 -4.70 22.49 32.12
CA ILE A 141 -3.86 22.16 33.26
C ILE A 141 -2.50 22.82 33.09
N GLY A 142 -1.88 22.55 31.94
CA GLY A 142 -0.53 23.07 31.67
C GLY A 142 -0.45 24.60 31.75
N LYS A 143 -1.53 25.28 31.32
CA LYS A 143 -1.59 26.73 31.39
C LYS A 143 -1.56 27.17 32.85
N LYS A 144 -2.42 26.57 33.69
CA LYS A 144 -2.42 26.88 35.10
C LYS A 144 -1.07 26.54 35.74
N CYS A 145 -0.49 25.40 35.38
CA CYS A 145 0.85 25.10 35.86
C CYS A 145 1.82 26.20 35.45
N ARG A 146 1.75 26.64 34.19
CA ARG A 146 2.71 27.61 33.67
C ARG A 146 2.58 28.91 34.46
N GLU A 147 1.36 29.26 34.87
CA GLU A 147 1.19 30.52 35.58
C GLU A 147 1.79 30.40 36.97
N ALA A 148 1.88 29.18 37.50
CA ALA A 148 2.53 28.95 38.79
C ALA A 148 4.03 28.72 38.64
N GLY A 149 4.62 28.89 37.46
CA GLY A 149 6.04 28.64 37.27
C GLY A 149 6.37 27.16 37.17
N ILE A 150 5.41 26.30 36.76
CA ILE A 150 5.64 24.86 36.70
C ILE A 150 5.36 24.36 35.27
N LYS A 151 6.16 23.38 34.88
CA LYS A 151 6.01 22.78 33.57
C LYS A 151 5.24 21.48 33.74
N TYR A 152 4.12 21.40 33.05
CA TYR A 152 3.26 20.23 33.14
C TYR A 152 3.63 19.30 32.01
N GLY A 153 3.73 17.99 32.31
CA GLY A 153 4.06 17.00 31.30
C GLY A 153 3.14 15.78 31.35
N TYR A 154 3.35 14.91 30.36
CA TYR A 154 2.64 13.63 30.23
C TYR A 154 3.65 12.49 30.04
N HIS A 155 3.43 11.43 30.81
CA HIS A 155 4.25 10.22 30.72
C HIS A 155 3.47 9.08 30.09
N ASN A 156 4.09 8.46 29.07
CA ASN A 156 3.47 7.39 28.30
C ASN A 156 3.84 6.02 28.88
N HIS A 157 2.96 5.04 28.58
CA HIS A 157 3.32 3.63 28.56
C HIS A 157 3.40 3.21 27.09
N ALA A 158 2.85 2.04 26.70
CA ALA A 158 2.89 1.58 25.32
C ALA A 158 1.58 1.83 24.60
N HIS A 159 0.49 2.04 25.36
CA HIS A 159 -0.85 2.05 24.81
C HIS A 159 -1.06 3.31 23.97
N GLU A 160 -0.32 4.37 24.25
CA GLU A 160 -0.49 5.60 23.50
C GLU A 160 0.04 5.47 22.08
N PHE A 161 0.68 4.34 21.74
CA PHE A 161 1.12 4.16 20.36
C PHE A 161 0.03 3.49 19.54
N GLN A 162 -1.12 3.22 20.16
CA GLN A 162 -2.27 2.73 19.39
C GLN A 162 -2.92 3.89 18.64
N LYS A 163 -3.73 3.55 17.62
CA LYS A 163 -4.53 4.51 16.88
C LYS A 163 -5.93 4.66 17.47
N ILE A 164 -6.46 5.87 17.38
CA ILE A 164 -7.82 6.20 17.75
C ILE A 164 -8.65 6.31 16.47
N GLU A 165 -9.79 5.61 16.44
CA GLU A 165 -10.62 5.50 15.27
C GLU A 165 -9.82 5.17 14.02
N ASP A 166 -8.75 4.40 14.22
CA ASP A 166 -7.89 3.94 13.15
C ASP A 166 -7.32 5.09 12.33
N LYS A 167 -7.28 6.27 12.94
CA LYS A 167 -6.83 7.48 12.29
C LYS A 167 -5.52 7.96 12.92
N ALA A 168 -5.60 8.54 14.13
CA ALA A 168 -4.45 9.20 14.73
C ALA A 168 -3.84 8.32 15.81
N VAL A 169 -2.52 8.24 15.80
CA VAL A 169 -1.81 7.66 16.93
C VAL A 169 -1.99 8.58 18.13
N MET A 170 -2.31 8.01 19.28
CA MET A 170 -2.74 8.79 20.42
C MET A 170 -1.63 9.78 20.84
N LEU A 171 -0.40 9.31 20.99
CA LEU A 171 0.64 10.21 21.48
C LEU A 171 0.86 11.34 20.47
N ASP A 172 0.85 10.99 19.18
CA ASP A 172 1.02 11.98 18.14
C ASP A 172 -0.07 13.05 18.24
N TYR A 173 -1.33 12.63 18.35
CA TYR A 173 -2.45 13.55 18.47
C TYR A 173 -2.22 14.51 19.65
N MET A 174 -1.86 13.95 20.81
CA MET A 174 -1.67 14.73 22.03
C MET A 174 -0.60 15.81 21.82
N ILE A 175 0.53 15.39 21.26
CA ILE A 175 1.63 16.29 21.01
C ILE A 175 1.19 17.40 20.04
N GLU A 176 0.50 17.01 18.96
CA GLU A 176 0.17 17.93 17.88
C GLU A 176 -0.90 18.90 18.35
N ASN A 177 -1.75 18.50 19.31
CA ASN A 177 -2.90 19.30 19.68
C ASN A 177 -2.78 19.87 21.09
N THR A 178 -1.55 19.97 21.61
CA THR A 178 -1.29 20.72 22.82
C THR A 178 -0.22 21.76 22.54
N ASP A 179 -0.25 22.87 23.30
CA ASP A 179 0.73 23.91 23.11
C ASP A 179 2.01 23.49 23.81
N PRO A 180 3.17 23.69 23.12
CA PRO A 180 4.47 23.28 23.64
C PRO A 180 4.74 23.79 25.05
N GLU A 181 4.28 25.03 25.32
CA GLU A 181 4.51 25.67 26.60
C GLU A 181 3.53 25.18 27.65
N ASN A 182 2.46 24.48 27.24
CA ASN A 182 1.52 23.89 28.19
C ASN A 182 1.78 22.42 28.48
N LEU A 183 2.42 21.72 27.55
CA LEU A 183 2.61 20.29 27.73
C LEU A 183 3.87 19.83 27.05
N PHE A 184 4.70 19.14 27.84
CA PHE A 184 5.82 18.39 27.32
C PHE A 184 5.57 16.90 27.56
N ILE A 185 6.37 16.11 26.88
CA ILE A 185 6.27 14.68 27.01
C ILE A 185 7.49 14.19 27.77
N GLU A 186 7.21 13.50 28.89
CA GLU A 186 8.20 12.75 29.62
C GLU A 186 8.24 11.36 29.03
N LEU A 187 9.11 11.16 28.05
CA LEU A 187 9.02 9.99 27.21
C LEU A 187 9.64 8.80 27.95
N ASP A 188 8.85 7.74 28.07
CA ASP A 188 9.36 6.50 28.62
C ASP A 188 9.95 5.67 27.49
N VAL A 189 11.27 5.61 27.42
CA VAL A 189 11.89 5.03 26.24
C VAL A 189 11.63 3.52 26.17
N TYR A 190 11.52 2.89 27.33
CA TYR A 190 11.26 1.46 27.39
C TYR A 190 9.87 1.20 26.84
N TRP A 191 8.88 1.98 27.32
CA TRP A 191 7.53 1.68 26.86
C TRP A 191 7.34 2.07 25.39
N ALA A 192 8.04 3.11 24.93
CA ALA A 192 8.03 3.47 23.53
C ALA A 192 8.51 2.29 22.68
N VAL A 193 9.63 1.69 23.08
CA VAL A 193 10.14 0.54 22.37
C VAL A 193 9.14 -0.62 22.43
N MET A 194 8.52 -0.84 23.60
CA MET A 194 7.51 -1.86 23.75
C MET A 194 6.33 -1.62 22.80
N GLY A 195 6.01 -0.36 22.48
CA GLY A 195 4.96 -0.07 21.50
C GLY A 195 5.46 0.07 20.05
N LYS A 196 6.70 -0.35 19.76
CA LYS A 196 7.29 -0.43 18.43
C LYS A 196 7.65 0.95 17.89
N ALA A 197 7.85 1.87 18.82
CA ALA A 197 8.15 3.25 18.49
C ALA A 197 9.65 3.45 18.64
N SER A 198 10.21 4.23 17.70
CA SER A 198 11.58 4.70 17.77
C SER A 198 11.64 5.97 18.61
N PRO A 199 12.31 5.99 19.78
CA PRO A 199 12.45 7.25 20.53
C PRO A 199 13.09 8.35 19.68
N VAL A 200 14.15 8.02 18.95
CA VAL A 200 14.84 8.99 18.12
C VAL A 200 13.93 9.55 17.04
N ASP A 201 13.13 8.70 16.39
CA ASP A 201 12.22 9.17 15.36
C ASP A 201 11.20 10.11 15.96
N TYR A 202 10.71 9.80 17.18
CA TYR A 202 9.79 10.71 17.85
C TYR A 202 10.47 12.04 18.09
N PHE A 203 11.73 12.00 18.58
CA PHE A 203 12.47 13.21 18.85
C PHE A 203 12.49 14.10 17.60
N HIS A 204 12.75 13.50 16.44
CA HIS A 204 12.91 14.26 15.21
C HIS A 204 11.54 14.71 14.69
N LYS A 205 10.49 13.97 15.01
CA LYS A 205 9.18 14.38 14.55
C LYS A 205 8.67 15.53 15.40
N TYR A 206 8.99 15.55 16.71
CA TYR A 206 8.51 16.59 17.61
C TYR A 206 9.67 17.23 18.37
N PRO A 207 10.58 17.94 17.69
CA PRO A 207 11.75 18.50 18.35
C PRO A 207 11.33 19.40 19.51
N GLY A 208 12.00 19.25 20.64
CA GLY A 208 11.86 20.21 21.74
C GLY A 208 10.78 19.77 22.73
N ARG A 209 9.97 18.75 22.41
CA ARG A 209 8.79 18.44 23.23
C ARG A 209 9.11 17.45 24.34
N PHE A 210 10.34 16.90 24.35
CA PHE A 210 10.70 15.86 25.30
C PHE A 210 11.65 16.44 26.35
N LYS A 211 11.07 17.23 27.26
CA LYS A 211 11.88 17.97 28.21
C LYS A 211 12.44 17.06 29.31
N MET A 212 11.80 15.88 29.49
CA MET A 212 12.27 14.87 30.41
C MET A 212 12.17 13.51 29.74
N LEU A 213 13.05 12.59 30.14
CA LEU A 213 12.98 11.20 29.75
C LEU A 213 12.84 10.35 30.99
N HIS A 214 11.99 9.33 30.91
CA HIS A 214 12.11 8.19 31.80
C HIS A 214 13.11 7.23 31.18
N ILE A 215 14.24 7.17 31.86
CA ILE A 215 15.24 6.19 31.54
C ILE A 215 14.85 4.92 32.28
N LYS A 216 14.27 4.02 31.47
CA LYS A 216 13.73 2.76 31.93
C LYS A 216 14.12 1.66 30.94
N ASP A 217 14.23 0.45 31.49
CA ASP A 217 14.55 -0.77 30.79
C ASP A 217 13.62 -1.84 31.36
N ARG A 218 13.82 -3.10 30.94
CA ARG A 218 13.07 -4.22 31.49
C ARG A 218 13.29 -4.36 33.00
N ARG A 219 14.57 -4.41 33.37
CA ARG A 219 15.01 -4.43 34.76
C ARG A 219 16.06 -3.33 34.96
N GLU A 220 17.30 -3.71 35.25
CA GLU A 220 18.33 -2.71 35.45
C GLU A 220 18.56 -1.99 34.12
N ILE A 221 18.89 -0.69 34.22
CA ILE A 221 19.10 0.17 33.06
C ILE A 221 20.29 -0.32 32.26
N GLY A 222 20.04 -0.63 31.00
CA GLY A 222 21.11 -0.91 30.06
C GLY A 222 21.52 -2.39 30.07
N GLN A 223 20.66 -3.27 30.60
CA GLN A 223 21.06 -4.66 30.79
C GLN A 223 20.31 -5.61 29.84
N SER A 224 19.16 -5.23 29.28
CA SER A 224 18.29 -6.17 28.57
C SER A 224 18.66 -6.33 27.10
N GLY A 225 19.28 -5.28 26.52
CA GLY A 225 19.49 -5.18 25.09
C GLY A 225 18.30 -4.58 24.34
N MET A 226 17.25 -4.13 25.05
CA MET A 226 16.00 -3.71 24.44
C MET A 226 15.94 -2.19 24.28
N VAL A 227 16.90 -1.44 24.82
CA VAL A 227 16.86 0.01 24.67
C VAL A 227 18.21 0.53 24.21
N GLY A 228 18.20 1.34 23.15
CA GLY A 228 19.42 1.95 22.62
C GLY A 228 19.68 3.31 23.26
N PHE A 229 20.20 3.29 24.49
CA PHE A 229 20.39 4.52 25.24
C PHE A 229 21.42 5.41 24.53
N ASP A 230 22.44 4.80 23.91
CA ASP A 230 23.41 5.58 23.15
C ASP A 230 22.70 6.50 22.14
N ALA A 231 21.85 5.96 21.26
CA ALA A 231 21.15 6.77 20.27
C ALA A 231 20.24 7.81 20.94
N ILE A 232 19.55 7.39 22.01
CA ILE A 232 18.61 8.27 22.69
C ILE A 232 19.35 9.52 23.19
N PHE A 233 20.49 9.29 23.85
CA PHE A 233 21.23 10.39 24.45
C PHE A 233 21.93 11.20 23.37
N GLU A 234 22.30 10.55 22.27
CA GLU A 234 22.89 11.31 21.18
C GLU A 234 21.87 12.27 20.56
N ASN A 235 20.57 12.00 20.70
CA ASN A 235 19.60 12.90 20.09
C ASN A 235 18.89 13.75 21.14
N ALA A 236 19.54 13.92 22.31
CA ALA A 236 18.89 14.53 23.45
C ALA A 236 18.64 16.01 23.20
N LYS A 237 19.52 16.66 22.43
CA LYS A 237 19.36 18.07 22.12
C LYS A 237 18.16 18.28 21.20
N THR A 238 18.02 17.52 20.13
CA THR A 238 16.81 17.60 19.33
C THR A 238 15.59 17.40 20.22
N ALA A 239 15.61 16.36 21.07
CA ALA A 239 14.46 16.05 21.90
C ALA A 239 14.03 17.26 22.73
N GLY A 240 15.00 18.00 23.27
CA GLY A 240 14.77 19.07 24.25
C GLY A 240 14.96 18.62 25.71
N VAL A 241 15.79 17.59 25.94
CA VAL A 241 15.92 17.00 27.26
C VAL A 241 16.53 18.00 28.23
N GLU A 242 15.86 18.21 29.39
CA GLU A 242 16.38 19.06 30.47
C GLU A 242 16.82 18.20 31.66
N ASN A 243 16.15 17.06 31.88
CA ASN A 243 16.41 16.19 33.01
C ASN A 243 16.09 14.74 32.65
N ILE A 244 16.82 13.81 33.27
CA ILE A 244 16.56 12.40 33.08
C ILE A 244 16.27 11.75 34.42
N ILE A 245 15.32 10.83 34.38
CA ILE A 245 14.77 10.18 35.55
C ILE A 245 14.90 8.68 35.32
N VAL A 246 15.69 8.03 36.20
CA VAL A 246 15.79 6.57 36.17
C VAL A 246 14.53 5.96 36.82
N GLU A 247 13.97 4.94 36.16
CA GLU A 247 12.85 4.21 36.70
C GLU A 247 13.21 2.73 36.59
N VAL A 248 13.10 2.03 37.72
CA VAL A 248 13.25 0.59 37.77
C VAL A 248 12.11 0.04 38.60
N GLU A 249 11.34 -0.85 37.96
CA GLU A 249 10.11 -1.43 38.46
C GLU A 249 10.27 -2.93 38.70
N GLN A 250 11.21 -3.55 37.99
CA GLN A 250 11.47 -4.97 38.12
C GLN A 250 12.98 -5.14 38.28
N TYR A 251 13.39 -6.19 38.99
CA TYR A 251 14.71 -6.21 39.57
C TYR A 251 15.30 -7.61 39.43
N SER A 252 16.56 -7.64 39.02
CA SER A 252 17.36 -8.85 39.06
C SER A 252 17.87 -9.12 40.48
N TYR A 253 18.06 -8.08 41.30
CA TYR A 253 18.66 -8.17 42.62
C TYR A 253 17.75 -7.56 43.66
N ASP A 254 18.27 -7.35 44.87
CA ASP A 254 17.56 -6.50 45.81
C ASP A 254 17.44 -5.11 45.17
N VAL A 255 16.40 -4.40 45.58
CA VAL A 255 16.06 -3.10 45.02
C VAL A 255 17.25 -2.15 45.09
N GLU A 256 17.91 -2.05 46.25
CA GLU A 256 19.01 -1.12 46.42
C GLU A 256 20.09 -1.32 45.35
N LYS A 257 20.46 -2.58 45.11
CA LYS A 257 21.52 -2.88 44.16
C LYS A 257 21.03 -2.62 42.73
N SER A 258 19.76 -2.94 42.44
CA SER A 258 19.22 -2.75 41.09
C SER A 258 19.28 -1.28 40.74
N VAL A 259 18.94 -0.41 41.72
CA VAL A 259 18.84 1.01 41.40
C VAL A 259 20.24 1.62 41.37
N LYS A 260 21.19 1.08 42.15
CA LYS A 260 22.58 1.49 42.10
C LYS A 260 23.26 1.08 40.78
N LEU A 261 23.10 -0.19 40.36
CA LEU A 261 23.66 -0.63 39.09
C LEU A 261 23.11 0.21 37.94
N SER A 262 21.83 0.60 38.03
CA SER A 262 21.17 1.41 37.02
C SER A 262 21.85 2.78 36.85
N LEU A 263 22.13 3.43 37.98
CA LEU A 263 22.85 4.70 38.00
C LEU A 263 24.26 4.55 37.43
N ASP A 264 24.95 3.49 37.84
CA ASP A 264 26.34 3.27 37.44
C ASP A 264 26.50 3.13 35.93
N TYR A 265 25.48 2.52 35.27
CA TYR A 265 25.46 2.37 33.82
C TYR A 265 25.49 3.75 33.16
N LEU A 266 24.66 4.66 33.68
CA LEU A 266 24.60 6.01 33.16
C LEU A 266 25.87 6.78 33.50
N LEU A 267 26.39 6.59 34.73
CA LEU A 267 27.59 7.28 35.14
C LEU A 267 28.74 6.86 34.23
N GLU A 268 28.79 5.57 33.86
CA GLU A 268 29.86 5.04 33.04
C GLU A 268 29.66 5.36 31.56
N ALA A 269 28.42 5.62 31.13
CA ALA A 269 28.17 5.81 29.71
C ALA A 269 28.75 7.13 29.24
N PRO A 270 29.71 7.13 28.30
CA PRO A 270 30.24 8.38 27.76
C PRO A 270 29.22 9.28 27.07
N PHE A 271 28.14 8.70 26.53
CA PHE A 271 27.10 9.48 25.86
C PHE A 271 26.12 10.16 26.84
N VAL A 272 26.22 9.87 28.14
CA VAL A 272 25.38 10.61 29.07
C VAL A 272 26.18 11.78 29.60
N LYS A 273 25.73 13.00 29.32
CA LYS A 273 26.38 14.20 29.79
C LYS A 273 26.13 14.44 31.27
N ALA A 274 26.96 15.31 31.87
CA ALA A 274 26.88 15.63 33.29
C ALA A 274 25.62 16.41 33.64
N SER A 275 25.07 17.15 32.68
CA SER A 275 23.92 17.98 32.96
C SER A 275 23.19 18.25 31.66
N TYR A 276 21.86 18.29 31.71
CA TYR A 276 21.05 18.56 30.52
C TYR A 276 20.34 19.91 30.68
N SER A 277 20.53 20.60 31.81
CA SER A 277 19.67 21.74 32.14
C SER A 277 20.40 23.09 31.95
N LYS B 8 40.41 -2.06 12.79
CA LYS B 8 39.67 -3.08 12.00
C LYS B 8 38.99 -4.07 12.93
N LYS B 9 37.78 -4.43 12.55
CA LYS B 9 36.98 -5.40 13.26
C LYS B 9 36.41 -6.33 12.22
N ASP B 10 36.18 -7.57 12.65
CA ASP B 10 35.58 -8.56 11.79
C ASP B 10 34.07 -8.39 11.89
N ILE B 11 33.50 -7.82 10.82
CA ILE B 11 32.09 -7.49 10.74
C ILE B 11 31.59 -7.91 9.38
N GLY B 12 30.53 -8.73 9.39
CA GLY B 12 29.94 -9.28 8.18
C GLY B 12 28.77 -8.44 7.68
N ILE B 13 28.35 -8.72 6.44
CA ILE B 13 27.23 -7.99 5.84
C ILE B 13 26.31 -9.00 5.16
N GLN B 14 25.01 -8.84 5.43
CA GLN B 14 23.99 -9.63 4.76
C GLN B 14 23.76 -8.96 3.41
N LEU B 15 24.00 -9.68 2.31
CA LEU B 15 23.91 -9.13 0.96
C LEU B 15 22.49 -8.67 0.61
N TYR B 16 21.48 -9.18 1.34
CA TYR B 16 20.12 -8.72 1.18
C TYR B 16 20.09 -7.20 1.37
N SER B 17 20.94 -6.72 2.29
CA SER B 17 21.00 -5.30 2.60
C SER B 17 21.23 -4.45 1.36
N VAL B 18 21.95 -4.96 0.34
CA VAL B 18 22.21 -4.21 -0.88
C VAL B 18 21.52 -4.84 -2.08
N ARG B 19 20.33 -5.44 -1.87
CA ARG B 19 19.59 -6.07 -2.95
C ARG B 19 19.29 -5.07 -4.05
N ASP B 20 19.04 -3.79 -3.71
CA ASP B 20 18.74 -2.76 -4.69
C ASP B 20 19.95 -2.39 -5.55
N LEU B 21 21.16 -2.74 -5.13
CA LEU B 21 22.39 -2.34 -5.83
C LEU B 21 22.92 -3.50 -6.65
N ILE B 22 22.21 -4.64 -6.68
CA ILE B 22 22.57 -5.76 -7.55
C ILE B 22 21.62 -5.71 -8.73
N GLY B 23 22.15 -5.38 -9.92
CA GLY B 23 21.33 -5.06 -11.09
C GLY B 23 21.62 -6.00 -12.26
N SER B 24 21.34 -5.49 -13.48
CA SER B 24 21.38 -6.27 -14.71
C SER B 24 21.76 -5.39 -15.91
N PHE B 25 22.56 -5.98 -16.82
CA PHE B 25 22.98 -5.34 -18.06
C PHE B 25 23.53 -6.45 -18.96
N GLY B 26 23.03 -6.55 -20.20
CA GLY B 26 23.43 -7.59 -21.15
C GLY B 26 22.89 -8.96 -20.75
N ARG B 27 23.74 -9.97 -20.72
CA ARG B 27 23.33 -11.29 -20.26
C ARG B 27 23.47 -11.42 -18.74
N ASN B 28 23.90 -10.36 -18.03
CA ASN B 28 24.14 -10.45 -16.59
C ASN B 28 22.92 -10.01 -15.79
N GLN B 29 22.18 -10.97 -15.21
CA GLN B 29 20.95 -10.68 -14.47
C GLN B 29 21.19 -10.43 -12.97
N HIS B 30 22.33 -10.86 -12.43
CA HIS B 30 22.61 -10.64 -11.01
C HIS B 30 24.05 -10.17 -10.86
N ASP B 31 24.33 -8.93 -11.26
CA ASP B 31 25.70 -8.48 -11.25
C ASP B 31 26.05 -7.98 -9.86
N TYR B 32 26.55 -8.89 -9.02
CA TYR B 32 26.84 -8.61 -7.63
C TYR B 32 28.27 -8.13 -7.45
N LYS B 33 29.15 -8.27 -8.44
CA LYS B 33 30.58 -8.02 -8.25
C LYS B 33 30.88 -6.57 -7.86
N PRO B 34 30.26 -5.55 -8.50
CA PRO B 34 30.51 -4.16 -8.09
C PRO B 34 30.19 -3.90 -6.62
N VAL B 35 29.09 -4.50 -6.10
CA VAL B 35 28.64 -4.28 -4.73
C VAL B 35 29.62 -4.97 -3.76
N LEU B 36 30.04 -6.19 -4.10
CA LEU B 36 31.08 -6.87 -3.34
C LEU B 36 32.25 -5.91 -3.10
N LYS B 37 32.67 -5.23 -4.17
CA LYS B 37 33.86 -4.41 -4.11
C LYS B 37 33.59 -3.26 -3.15
N ALA B 38 32.44 -2.63 -3.33
CA ALA B 38 32.08 -1.48 -2.53
C ALA B 38 32.04 -1.90 -1.06
N LEU B 39 31.44 -3.06 -0.77
CA LEU B 39 31.28 -3.51 0.61
C LEU B 39 32.65 -3.75 1.24
N ALA B 40 33.55 -4.35 0.45
CA ALA B 40 34.92 -4.59 0.87
C ALA B 40 35.62 -3.26 1.15
N ASP B 41 35.47 -2.30 0.23
CA ASP B 41 36.11 -1.00 0.38
C ASP B 41 35.59 -0.26 1.60
N MET B 42 34.28 -0.39 1.92
CA MET B 42 33.73 0.19 3.14
C MET B 42 34.43 -0.40 4.34
N GLY B 43 34.81 -1.68 4.24
CA GLY B 43 35.53 -2.36 5.29
C GLY B 43 34.80 -3.58 5.85
N TYR B 44 33.73 -4.06 5.23
CA TYR B 44 33.17 -5.34 5.70
C TYR B 44 34.17 -6.45 5.36
N THR B 45 34.20 -7.48 6.23
CA THR B 45 35.21 -8.53 6.19
C THR B 45 34.61 -9.87 5.77
N SER B 46 33.27 -9.99 5.79
CA SER B 46 32.63 -11.26 5.46
C SER B 46 31.23 -11.00 4.93
N ILE B 47 30.73 -11.97 4.17
CA ILE B 47 29.39 -11.89 3.60
C ILE B 47 28.51 -13.05 4.10
N GLU B 48 27.21 -12.76 4.22
CA GLU B 48 26.18 -13.76 4.24
C GLU B 48 25.30 -13.63 2.99
N ALA B 49 25.26 -14.70 2.17
CA ALA B 49 24.48 -14.68 0.93
C ALA B 49 22.97 -14.64 1.20
N ALA B 50 22.23 -14.10 0.21
CA ALA B 50 20.78 -14.15 0.18
C ALA B 50 20.30 -14.52 -1.23
N SER B 51 20.91 -15.51 -1.88
CA SER B 51 20.45 -15.93 -3.21
C SER B 51 20.95 -17.32 -3.59
N TYR B 52 20.39 -18.33 -2.93
CA TYR B 52 20.70 -19.71 -3.24
C TYR B 52 19.51 -20.33 -3.97
N ASN B 53 19.76 -20.96 -5.12
CA ASN B 53 18.81 -21.89 -5.71
C ASN B 53 19.53 -22.82 -6.67
N ASP B 54 19.04 -24.06 -6.69
CA ASP B 54 19.42 -25.05 -7.67
C ASP B 54 20.94 -25.10 -7.83
N GLY B 55 21.64 -25.25 -6.70
CA GLY B 55 23.09 -25.44 -6.68
C GLY B 55 23.91 -24.18 -6.97
N LYS B 56 23.25 -23.02 -7.05
CA LYS B 56 23.88 -21.79 -7.50
C LYS B 56 23.60 -20.61 -6.55
N PHE B 57 24.52 -19.65 -6.61
CA PHE B 57 24.48 -18.43 -5.85
C PHE B 57 24.43 -17.26 -6.81
N TYR B 58 23.33 -16.50 -6.74
CA TYR B 58 23.11 -15.37 -7.63
C TYR B 58 23.30 -15.85 -9.06
N GLY B 59 22.80 -17.06 -9.35
CA GLY B 59 22.85 -17.65 -10.69
C GLY B 59 24.22 -18.23 -11.05
N ASN B 60 25.19 -18.19 -10.13
CA ASN B 60 26.55 -18.63 -10.45
C ASN B 60 26.87 -19.95 -9.75
N THR B 61 27.95 -20.58 -10.20
CA THR B 61 28.41 -21.82 -9.61
C THR B 61 29.06 -21.48 -8.28
N PRO B 62 29.08 -22.43 -7.33
CA PRO B 62 29.67 -22.14 -6.02
C PRO B 62 31.13 -21.71 -6.13
N GLU B 63 31.85 -22.31 -7.09
CA GLU B 63 33.24 -22.01 -7.35
C GLU B 63 33.38 -20.57 -7.82
N GLU B 64 32.48 -20.09 -8.69
CA GLU B 64 32.58 -18.73 -9.20
C GLU B 64 32.25 -17.72 -8.10
N PHE B 65 31.21 -18.02 -7.30
CA PHE B 65 30.81 -17.15 -6.21
C PHE B 65 31.95 -17.07 -5.20
N ARG B 66 32.51 -18.22 -4.85
CA ARG B 66 33.64 -18.28 -3.93
C ARG B 66 34.79 -17.42 -4.47
N ARG B 67 35.15 -17.63 -5.75
CA ARG B 67 36.20 -16.84 -6.38
C ARG B 67 35.89 -15.34 -6.30
N ASP B 68 34.63 -14.97 -6.57
CA ASP B 68 34.24 -13.57 -6.64
C ASP B 68 34.39 -12.93 -5.27
N VAL B 69 33.96 -13.65 -4.24
CA VAL B 69 33.97 -13.08 -2.91
C VAL B 69 35.41 -12.98 -2.45
N GLU B 70 36.17 -14.04 -2.72
CA GLU B 70 37.56 -14.07 -2.29
C GLU B 70 38.36 -12.98 -3.00
N ALA B 71 37.97 -12.64 -4.23
CA ALA B 71 38.75 -11.67 -5.01
C ALA B 71 38.71 -10.28 -4.38
N VAL B 72 37.65 -9.93 -3.61
CA VAL B 72 37.57 -8.61 -2.98
C VAL B 72 38.02 -8.68 -1.52
N GLY B 73 38.47 -9.87 -1.10
CA GLY B 73 39.13 -10.03 0.17
C GLY B 73 38.16 -10.21 1.33
N MET B 74 36.92 -10.64 1.07
CA MET B 74 36.00 -10.91 2.16
C MET B 74 35.82 -12.42 2.32
N LYS B 75 35.40 -12.85 3.51
CA LYS B 75 35.20 -14.26 3.80
C LYS B 75 33.84 -14.70 3.29
N VAL B 76 33.81 -15.87 2.66
CA VAL B 76 32.53 -16.44 2.30
C VAL B 76 32.07 -17.24 3.50
N LEU B 77 31.22 -16.62 4.32
CA LEU B 77 30.99 -17.09 5.67
C LEU B 77 29.67 -17.85 5.77
N SER B 78 28.57 -17.21 5.36
CA SER B 78 27.24 -17.75 5.64
C SER B 78 26.30 -17.49 4.47
N SER B 79 25.08 -18.03 4.60
CA SER B 79 24.15 -18.07 3.50
C SER B 79 22.74 -18.35 4.01
N HIS B 80 21.78 -17.52 3.60
CA HIS B 80 20.38 -17.73 3.94
C HIS B 80 19.73 -18.50 2.81
N CYS B 81 19.18 -19.65 3.16
CA CYS B 81 18.34 -20.40 2.24
C CYS B 81 17.51 -21.34 3.09
N GLY B 82 16.47 -21.92 2.49
CA GLY B 82 15.44 -22.54 3.29
C GLY B 82 14.49 -23.31 2.39
N LYS B 83 13.82 -24.27 2.98
CA LYS B 83 12.76 -24.97 2.30
C LYS B 83 11.76 -25.36 3.37
N GLY B 84 10.70 -24.55 3.51
CA GLY B 84 9.58 -24.86 4.37
C GLY B 84 8.96 -26.21 4.03
N LEU B 85 8.29 -26.81 5.03
CA LEU B 85 7.55 -28.05 4.84
C LEU B 85 6.21 -27.72 4.21
N SER B 86 5.77 -28.50 3.21
CA SER B 86 4.42 -28.38 2.69
C SER B 86 3.41 -28.81 3.75
N ASP B 87 2.12 -28.49 3.52
CA ASP B 87 1.06 -28.91 4.42
C ASP B 87 0.95 -30.42 4.47
N GLU B 88 1.31 -31.07 3.36
CA GLU B 88 1.25 -32.52 3.28
C GLU B 88 2.36 -33.14 4.14
N GLU B 89 3.56 -32.57 4.10
CA GLU B 89 4.66 -33.06 4.88
C GLU B 89 4.38 -32.82 6.37
N LEU B 90 3.77 -31.68 6.67
CA LEU B 90 3.40 -31.35 8.04
C LEU B 90 2.39 -32.36 8.56
N ALA B 91 1.35 -32.67 7.77
CA ALA B 91 0.31 -33.58 8.24
C ALA B 91 0.85 -35.01 8.31
N SER B 92 1.71 -35.39 7.37
CA SER B 92 2.20 -36.77 7.34
C SER B 92 3.28 -36.92 8.39
N GLY B 93 3.87 -35.79 8.81
CA GLY B 93 5.07 -35.81 9.63
C GLY B 93 6.29 -36.27 8.85
N ASP B 94 6.15 -36.65 7.58
CA ASP B 94 7.25 -37.26 6.85
C ASP B 94 7.88 -36.25 5.88
N PHE B 95 9.05 -35.71 6.23
CA PHE B 95 9.67 -34.68 5.40
C PHE B 95 10.82 -35.26 4.57
N SER B 96 10.75 -36.55 4.22
CA SER B 96 11.77 -37.24 3.42
C SER B 96 12.06 -36.57 2.08
N GLU B 97 11.00 -36.17 1.35
CA GLU B 97 11.19 -35.62 0.01
C GLU B 97 12.03 -34.35 0.05
N SER B 98 11.93 -33.56 1.13
CA SER B 98 12.64 -32.29 1.20
C SER B 98 14.15 -32.47 1.39
N MET B 99 14.60 -33.67 1.81
CA MET B 99 15.96 -33.81 2.28
C MET B 99 16.94 -33.86 1.12
N LYS B 100 16.45 -34.25 -0.05
CA LYS B 100 17.28 -34.32 -1.25
C LYS B 100 17.63 -32.91 -1.71
N TRP B 101 16.69 -31.97 -1.56
CA TRP B 101 16.97 -30.57 -1.81
C TRP B 101 18.15 -30.11 -0.96
N TRP B 102 18.22 -30.60 0.28
CA TRP B 102 19.29 -30.20 1.20
C TRP B 102 20.63 -30.79 0.81
N ASP B 103 20.65 -32.00 0.23
CA ASP B 103 21.90 -32.61 -0.21
C ASP B 103 22.55 -31.72 -1.28
N GLN B 104 21.77 -31.26 -2.24
CA GLN B 104 22.26 -30.34 -3.25
C GLN B 104 22.72 -29.03 -2.60
N CYS B 105 21.92 -28.52 -1.66
CA CYS B 105 22.15 -27.22 -1.06
C CYS B 105 23.46 -27.26 -0.28
N ILE B 106 23.60 -28.29 0.56
CA ILE B 106 24.76 -28.44 1.43
C ILE B 106 26.04 -28.65 0.61
N ALA B 107 25.97 -29.44 -0.48
CA ALA B 107 27.14 -29.69 -1.31
C ALA B 107 27.60 -28.41 -1.99
N ALA B 108 26.63 -27.60 -2.43
CA ALA B 108 26.93 -26.34 -3.06
C ALA B 108 27.57 -25.38 -2.06
N HIS B 109 27.10 -25.39 -0.80
CA HIS B 109 27.67 -24.52 0.23
C HIS B 109 29.09 -24.95 0.59
N LYS B 110 29.31 -26.27 0.65
CA LYS B 110 30.63 -26.81 0.92
C LYS B 110 31.61 -26.40 -0.20
N ALA B 111 31.18 -26.46 -1.45
CA ALA B 111 32.02 -26.05 -2.56
C ALA B 111 32.32 -24.54 -2.53
N ALA B 112 31.42 -23.77 -1.93
CA ALA B 112 31.61 -22.32 -1.85
C ALA B 112 32.49 -21.93 -0.66
N GLY B 113 32.78 -22.88 0.26
CA GLY B 113 33.60 -22.60 1.43
C GLY B 113 32.78 -22.14 2.65
N MET B 114 31.45 -22.16 2.56
CA MET B 114 30.61 -21.63 3.61
C MET B 114 30.87 -22.32 4.95
N GLU B 115 30.95 -21.51 6.00
CA GLU B 115 31.02 -22.04 7.35
C GLU B 115 29.61 -22.30 7.88
N TYR B 116 28.64 -21.50 7.47
CA TYR B 116 27.30 -21.68 8.01
C TYR B 116 26.27 -21.69 6.90
N ILE B 117 25.12 -22.33 7.18
CA ILE B 117 23.89 -22.19 6.43
C ILE B 117 22.81 -21.81 7.43
N VAL B 118 21.98 -20.83 7.09
CA VAL B 118 20.94 -20.37 7.98
C VAL B 118 19.63 -20.30 7.21
N THR B 119 18.61 -20.94 7.77
CA THR B 119 17.23 -20.78 7.30
C THR B 119 16.64 -19.49 7.87
N PRO B 120 16.19 -18.56 6.99
CA PRO B 120 15.74 -17.24 7.42
C PRO B 120 14.32 -17.12 7.97
N TYR B 121 13.44 -18.08 7.68
CA TYR B 121 12.06 -17.99 8.12
C TYR B 121 11.42 -19.37 8.18
N LEU B 122 10.65 -19.65 9.24
CA LEU B 122 9.68 -20.72 9.27
C LEU B 122 8.44 -20.11 9.89
N PRO B 123 7.24 -20.45 9.38
CA PRO B 123 5.99 -19.90 9.92
C PRO B 123 5.76 -20.39 11.34
N VAL B 124 4.97 -19.62 12.10
CA VAL B 124 4.41 -20.09 13.35
C VAL B 124 3.50 -21.27 13.02
N PRO B 125 3.75 -22.49 13.51
CA PRO B 125 2.85 -23.58 13.20
C PRO B 125 1.64 -23.48 14.14
N LYS B 126 0.56 -24.19 13.83
CA LYS B 126 -0.68 -24.09 14.59
C LYS B 126 -0.62 -24.92 15.87
N THR B 127 0.22 -25.96 15.87
CA THR B 127 0.22 -26.93 16.96
C THR B 127 1.65 -27.25 17.36
N LEU B 128 1.78 -27.66 18.62
CA LEU B 128 3.03 -28.19 19.15
C LEU B 128 3.48 -29.39 18.33
N LYS B 129 2.52 -30.21 17.87
CA LYS B 129 2.88 -31.38 17.09
C LYS B 129 3.60 -30.95 15.79
N GLU B 130 3.10 -29.89 15.19
CA GLU B 130 3.73 -29.37 13.98
C GLU B 130 5.09 -28.78 14.31
N MET B 131 5.19 -28.09 15.45
CA MET B 131 6.46 -27.52 15.86
C MET B 131 7.45 -28.65 16.07
N GLN B 132 6.97 -29.73 16.69
CA GLN B 132 7.84 -30.87 16.89
C GLN B 132 8.39 -31.36 15.53
N THR B 133 7.52 -31.42 14.51
CA THR B 133 7.93 -31.91 13.20
C THR B 133 9.02 -30.98 12.64
N TYR B 134 8.85 -29.67 12.84
CA TYR B 134 9.83 -28.69 12.38
C TYR B 134 11.18 -28.92 13.06
N CYS B 135 11.14 -29.16 14.38
CA CYS B 135 12.36 -29.49 15.12
C CYS B 135 13.04 -30.76 14.60
N ASP B 136 12.27 -31.82 14.35
CA ASP B 136 12.82 -33.02 13.73
C ASP B 136 13.52 -32.65 12.43
N TYR B 137 12.88 -31.79 11.64
CA TYR B 137 13.38 -31.37 10.34
C TYR B 137 14.68 -30.59 10.50
N LEU B 138 14.67 -29.59 11.40
CA LEU B 138 15.84 -28.80 11.71
C LEU B 138 16.98 -29.68 12.20
N ASN B 139 16.71 -30.64 13.09
CA ASN B 139 17.75 -31.54 13.55
C ASN B 139 18.34 -32.32 12.38
N ALA B 140 17.45 -32.84 11.52
CA ALA B 140 17.88 -33.65 10.40
C ALA B 140 18.76 -32.82 9.46
N ILE B 141 18.38 -31.56 9.20
CA ILE B 141 19.15 -30.73 8.30
C ILE B 141 20.51 -30.43 8.92
N GLY B 142 20.48 -30.02 10.19
CA GLY B 142 21.68 -29.68 10.90
C GLY B 142 22.66 -30.85 10.95
N LYS B 143 22.13 -32.06 11.07
CA LYS B 143 22.96 -33.25 11.15
C LYS B 143 23.69 -33.39 9.81
N LYS B 144 22.96 -33.31 8.70
CA LYS B 144 23.57 -33.37 7.39
C LYS B 144 24.60 -32.26 7.18
N CYS B 145 24.25 -31.02 7.57
CA CYS B 145 25.22 -29.93 7.48
C CYS B 145 26.48 -30.29 8.27
N ARG B 146 26.29 -30.72 9.52
CA ARG B 146 27.40 -31.05 10.40
C ARG B 146 28.33 -32.09 9.76
N GLU B 147 27.79 -33.06 9.02
CA GLU B 147 28.63 -34.08 8.43
C GLU B 147 29.41 -33.53 7.24
N ALA B 148 28.96 -32.40 6.69
CA ALA B 148 29.71 -31.74 5.64
C ALA B 148 30.60 -30.62 6.20
N GLY B 149 30.74 -30.56 7.52
CA GLY B 149 31.57 -29.58 8.19
C GLY B 149 30.94 -28.18 8.22
N ILE B 150 29.59 -28.10 8.22
CA ILE B 150 28.87 -26.85 8.19
C ILE B 150 27.93 -26.78 9.39
N LYS B 151 27.85 -25.60 10.01
CA LYS B 151 26.95 -25.35 11.11
C LYS B 151 25.64 -24.77 10.57
N TYR B 152 24.56 -25.47 10.83
CA TYR B 152 23.24 -25.03 10.41
C TYR B 152 22.62 -24.17 11.50
N GLY B 153 22.00 -23.06 11.08
CA GLY B 153 21.37 -22.15 12.01
C GLY B 153 20.00 -21.70 11.55
N TYR B 154 19.27 -21.08 12.49
CA TYR B 154 17.92 -20.58 12.25
C TYR B 154 17.91 -19.10 12.57
N HIS B 155 17.37 -18.28 11.66
CA HIS B 155 17.23 -16.84 11.86
C HIS B 155 15.76 -16.47 12.14
N ASN B 156 15.53 -15.70 13.21
CA ASN B 156 14.19 -15.28 13.64
C ASN B 156 13.77 -13.92 13.09
N HIS B 157 12.45 -13.69 13.03
CA HIS B 157 11.86 -12.36 13.01
C HIS B 157 11.19 -12.15 14.38
N ALA B 158 9.98 -11.59 14.42
CA ALA B 158 9.29 -11.33 15.68
C ALA B 158 8.30 -12.43 16.03
N HIS B 159 7.80 -13.14 15.00
CA HIS B 159 6.66 -14.05 15.13
C HIS B 159 7.04 -15.24 16.01
N GLU B 160 8.34 -15.61 16.02
CA GLU B 160 8.79 -16.71 16.83
C GLU B 160 8.64 -16.44 18.34
N PHE B 161 8.34 -15.18 18.75
CA PHE B 161 8.09 -14.93 20.16
C PHE B 161 6.62 -15.14 20.50
N GLN B 162 5.82 -15.60 19.55
CA GLN B 162 4.44 -15.96 19.88
C GLN B 162 4.42 -17.32 20.55
N LYS B 163 3.32 -17.59 21.28
CA LYS B 163 3.04 -18.87 21.89
C LYS B 163 2.28 -19.77 20.92
N ILE B 164 2.61 -21.06 20.96
CA ILE B 164 1.93 -22.09 20.20
C ILE B 164 0.97 -22.80 21.16
N GLU B 165 -0.30 -22.92 20.77
CA GLU B 165 -1.37 -23.47 21.60
C GLU B 165 -1.38 -22.81 22.98
N ASP B 166 -0.96 -21.54 23.04
CA ASP B 166 -0.87 -20.78 24.28
C ASP B 166 -0.03 -21.51 25.34
N LYS B 167 0.92 -22.34 24.88
CA LYS B 167 1.79 -23.13 25.73
C LYS B 167 3.21 -22.62 25.52
N ALA B 168 3.91 -23.08 24.48
CA ALA B 168 5.33 -22.84 24.33
C ALA B 168 5.57 -21.63 23.44
N VAL B 169 6.50 -20.78 23.84
CA VAL B 169 7.01 -19.77 22.91
C VAL B 169 7.81 -20.51 21.82
N MET B 170 7.57 -20.14 20.55
CA MET B 170 8.05 -20.91 19.43
C MET B 170 9.57 -21.00 19.44
N LEU B 171 10.26 -19.87 19.65
CA LEU B 171 11.72 -19.91 19.59
C LEU B 171 12.23 -20.80 20.73
N ASP B 172 11.63 -20.67 21.93
CA ASP B 172 12.06 -21.45 23.08
C ASP B 172 11.93 -22.93 22.74
N TYR B 173 10.77 -23.33 22.20
CA TYR B 173 10.48 -24.73 21.86
C TYR B 173 11.56 -25.24 20.90
N MET B 174 11.85 -24.44 19.86
CA MET B 174 12.85 -24.78 18.86
C MET B 174 14.21 -25.03 19.51
N ILE B 175 14.63 -24.08 20.35
CA ILE B 175 15.93 -24.19 20.98
C ILE B 175 15.96 -25.43 21.88
N GLU B 176 14.90 -25.60 22.68
CA GLU B 176 14.84 -26.66 23.67
C GLU B 176 14.84 -28.04 22.98
N ASN B 177 14.25 -28.14 21.77
CA ASN B 177 14.02 -29.42 21.14
C ASN B 177 14.85 -29.62 19.89
N THR B 178 15.99 -28.92 19.79
CA THR B 178 16.99 -29.23 18.79
C THR B 178 18.32 -29.45 19.49
N ASP B 179 19.21 -30.23 18.86
CA ASP B 179 20.53 -30.45 19.41
C ASP B 179 21.41 -29.25 19.11
N PRO B 180 22.19 -28.79 20.10
CA PRO B 180 23.11 -27.67 19.94
C PRO B 180 24.07 -27.82 18.76
N GLU B 181 24.53 -29.05 18.53
CA GLU B 181 25.46 -29.35 17.46
C GLU B 181 24.75 -29.38 16.12
N ASN B 182 23.41 -29.46 16.12
CA ASN B 182 22.66 -29.45 14.87
C ASN B 182 22.10 -28.07 14.52
N LEU B 183 21.82 -27.25 15.53
CA LEU B 183 21.14 -26.01 15.28
C LEU B 183 21.62 -24.98 16.28
N PHE B 184 22.07 -23.85 15.72
CA PHE B 184 22.28 -22.63 16.48
C PHE B 184 21.28 -21.60 16.00
N ILE B 185 21.16 -20.52 16.79
CA ILE B 185 20.23 -19.47 16.44
C ILE B 185 21.06 -18.28 15.98
N GLU B 186 20.76 -17.79 14.79
CA GLU B 186 21.26 -16.50 14.32
C GLU B 186 20.27 -15.44 14.78
N LEU B 187 20.51 -14.87 15.97
CA LEU B 187 19.50 -14.06 16.63
C LEU B 187 19.48 -12.68 15.98
N ASP B 188 18.29 -12.32 15.48
CA ASP B 188 18.05 -10.99 14.97
C ASP B 188 17.60 -10.12 16.15
N VAL B 189 18.49 -9.25 16.59
CA VAL B 189 18.27 -8.54 17.84
C VAL B 189 17.13 -7.54 17.68
N TYR B 190 17.00 -6.97 16.48
CA TYR B 190 15.96 -5.99 16.22
C TYR B 190 14.60 -6.68 16.31
N TRP B 191 14.49 -7.82 15.63
CA TRP B 191 13.20 -8.49 15.62
C TRP B 191 12.89 -9.07 17.00
N ALA B 192 13.90 -9.55 17.74
CA ALA B 192 13.64 -9.97 19.12
C ALA B 192 12.99 -8.84 19.91
N VAL B 193 13.55 -7.62 19.82
CA VAL B 193 12.98 -6.51 20.54
C VAL B 193 11.55 -6.24 20.08
N MET B 194 11.33 -6.33 18.77
CA MET B 194 10.01 -6.13 18.22
C MET B 194 9.04 -7.20 18.75
N GLY B 195 9.51 -8.40 19.13
CA GLY B 195 8.68 -9.41 19.77
C GLY B 195 8.60 -9.32 21.30
N LYS B 196 9.11 -8.23 21.88
CA LYS B 196 9.06 -7.97 23.31
C LYS B 196 10.04 -8.87 24.04
N ALA B 197 11.06 -9.35 23.32
CA ALA B 197 12.04 -10.25 23.90
C ALA B 197 13.30 -9.45 24.22
N SER B 198 13.90 -9.78 25.39
CA SER B 198 15.24 -9.34 25.78
C SER B 198 16.28 -10.26 25.16
N PRO B 199 17.12 -9.77 24.23
CA PRO B 199 18.20 -10.61 23.72
C PRO B 199 19.09 -11.20 24.81
N VAL B 200 19.48 -10.36 25.77
CA VAL B 200 20.36 -10.77 26.85
C VAL B 200 19.72 -11.88 27.70
N ASP B 201 18.43 -11.76 28.03
CA ASP B 201 17.75 -12.80 28.81
C ASP B 201 17.71 -14.09 28.00
N TYR B 202 17.55 -13.99 26.67
CA TYR B 202 17.61 -15.19 25.84
C TYR B 202 19.00 -15.80 25.93
N PHE B 203 20.04 -14.96 25.86
CA PHE B 203 21.41 -15.45 25.91
C PHE B 203 21.64 -16.24 27.20
N HIS B 204 21.07 -15.75 28.31
CA HIS B 204 21.29 -16.35 29.61
C HIS B 204 20.43 -17.60 29.74
N LYS B 205 19.30 -17.64 29.02
CA LYS B 205 18.45 -18.80 29.11
C LYS B 205 19.04 -19.95 28.26
N TYR B 206 19.69 -19.62 27.14
CA TYR B 206 20.21 -20.62 26.21
C TYR B 206 21.68 -20.33 25.90
N PRO B 207 22.57 -20.43 26.91
CA PRO B 207 23.98 -20.11 26.70
C PRO B 207 24.56 -20.95 25.57
N GLY B 208 25.39 -20.30 24.75
CA GLY B 208 26.16 -20.98 23.69
C GLY B 208 25.40 -21.16 22.38
N ARG B 209 24.08 -20.93 22.37
CA ARG B 209 23.24 -21.30 21.24
C ARG B 209 23.16 -20.19 20.18
N PHE B 210 23.66 -18.98 20.48
CA PHE B 210 23.61 -17.86 19.54
C PHE B 210 24.98 -17.62 18.89
N LYS B 211 25.33 -18.48 17.93
CA LYS B 211 26.67 -18.46 17.38
C LYS B 211 26.85 -17.32 16.41
N MET B 212 25.74 -16.77 15.92
CA MET B 212 25.79 -15.57 15.10
C MET B 212 24.70 -14.62 15.56
N LEU B 213 24.97 -13.32 15.40
CA LEU B 213 23.93 -12.31 15.54
C LEU B 213 23.67 -11.66 14.18
N HIS B 214 22.38 -11.41 13.93
CA HIS B 214 22.03 -10.40 12.95
C HIS B 214 21.90 -9.06 13.65
N ILE B 215 22.90 -8.22 13.35
CA ILE B 215 22.94 -6.88 13.88
C ILE B 215 22.10 -6.02 12.94
N LYS B 216 20.88 -5.78 13.44
CA LYS B 216 19.87 -5.06 12.72
C LYS B 216 19.21 -4.06 13.67
N ASP B 217 18.73 -2.98 13.05
CA ASP B 217 17.98 -1.93 13.70
C ASP B 217 16.78 -1.63 12.79
N ARG B 218 16.04 -0.55 13.11
CA ARG B 218 14.93 -0.09 12.30
C ARG B 218 15.47 0.38 10.95
N ARG B 219 16.52 1.21 10.96
CA ARG B 219 17.21 1.61 9.76
C ARG B 219 18.72 1.45 9.97
N GLU B 220 19.47 2.56 9.98
CA GLU B 220 20.90 2.46 10.22
C GLU B 220 21.14 1.89 11.62
N ILE B 221 22.18 1.05 11.73
CA ILE B 221 22.50 0.39 12.98
C ILE B 221 22.82 1.44 14.05
N GLY B 222 22.06 1.40 15.15
CA GLY B 222 22.38 2.19 16.34
C GLY B 222 21.75 3.57 16.33
N GLN B 223 20.78 3.83 15.44
CA GLN B 223 20.25 5.17 15.26
C GLN B 223 18.84 5.33 15.86
N SER B 224 18.09 4.25 16.06
CA SER B 224 16.65 4.35 16.37
C SER B 224 16.40 4.55 17.85
N GLY B 225 17.31 4.03 18.68
CA GLY B 225 17.09 4.01 20.11
C GLY B 225 16.34 2.77 20.59
N MET B 226 16.13 1.78 19.70
CA MET B 226 15.29 0.63 19.99
C MET B 226 16.10 -0.63 20.30
N VAL B 227 17.42 -0.59 20.10
CA VAL B 227 18.23 -1.78 20.31
C VAL B 227 19.44 -1.47 21.19
N GLY B 228 19.57 -2.20 22.31
CA GLY B 228 20.67 -1.99 23.23
C GLY B 228 21.93 -2.77 22.82
N PHE B 229 22.64 -2.32 21.79
CA PHE B 229 23.83 -3.01 21.29
C PHE B 229 24.89 -3.19 22.37
N ASP B 230 25.09 -2.18 23.21
CA ASP B 230 26.04 -2.27 24.30
C ASP B 230 25.77 -3.52 25.15
N ALA B 231 24.54 -3.71 25.62
CA ALA B 231 24.23 -4.83 26.49
C ALA B 231 24.42 -6.15 25.74
N ILE B 232 24.01 -6.16 24.48
CA ILE B 232 24.04 -7.36 23.68
C ILE B 232 25.48 -7.81 23.55
N PHE B 233 26.38 -6.86 23.24
CA PHE B 233 27.77 -7.20 22.99
C PHE B 233 28.46 -7.55 24.30
N GLU B 234 28.03 -6.92 25.39
CA GLU B 234 28.62 -7.28 26.68
C GLU B 234 28.22 -8.69 27.07
N ASN B 235 27.15 -9.24 26.53
CA ASN B 235 26.77 -10.60 26.90
C ASN B 235 27.12 -11.60 25.80
N ALA B 236 28.03 -11.21 24.89
CA ALA B 236 28.27 -11.98 23.68
C ALA B 236 28.90 -13.33 24.02
N LYS B 237 29.74 -13.38 25.08
CA LYS B 237 30.45 -14.60 25.42
C LYS B 237 29.44 -15.64 25.91
N THR B 238 28.56 -15.26 26.84
CA THR B 238 27.46 -16.13 27.22
C THR B 238 26.74 -16.66 25.99
N ALA B 239 26.40 -15.75 25.08
CA ALA B 239 25.57 -16.09 23.96
C ALA B 239 26.21 -17.20 23.13
N GLY B 240 27.54 -17.11 22.96
CA GLY B 240 28.31 -18.00 22.11
C GLY B 240 28.62 -17.37 20.76
N VAL B 241 28.65 -16.04 20.68
CA VAL B 241 28.76 -15.37 19.39
C VAL B 241 30.13 -15.63 18.76
N GLU B 242 30.11 -16.06 17.48
CA GLU B 242 31.32 -16.32 16.72
C GLU B 242 31.51 -15.28 15.63
N ASN B 243 30.39 -14.83 15.04
CA ASN B 243 30.39 -13.83 13.98
C ASN B 243 29.17 -12.91 14.08
N ILE B 244 29.34 -11.69 13.58
CA ILE B 244 28.21 -10.77 13.54
C ILE B 244 27.96 -10.31 12.12
N ILE B 245 26.67 -10.22 11.78
CA ILE B 245 26.27 -9.84 10.45
C ILE B 245 25.33 -8.64 10.51
N VAL B 246 25.81 -7.54 9.90
CA VAL B 246 24.99 -6.34 9.76
C VAL B 246 23.91 -6.62 8.74
N GLU B 247 22.67 -6.26 9.07
CA GLU B 247 21.53 -6.33 8.16
C GLU B 247 20.82 -4.98 8.20
N VAL B 248 20.59 -4.40 7.01
CA VAL B 248 19.89 -3.14 6.86
C VAL B 248 18.95 -3.27 5.66
N GLU B 249 17.65 -3.18 5.95
CA GLU B 249 16.58 -3.41 4.98
C GLU B 249 15.85 -2.11 4.63
N GLN B 250 15.94 -1.12 5.52
CA GLN B 250 15.24 0.15 5.38
C GLN B 250 16.28 1.21 5.65
N TYR B 251 16.13 2.36 5.00
CA TYR B 251 17.23 3.29 4.83
C TYR B 251 16.77 4.73 5.02
N SER B 252 17.55 5.47 5.81
CA SER B 252 17.40 6.90 5.90
C SER B 252 18.03 7.61 4.70
N TYR B 253 19.06 6.98 4.10
CA TYR B 253 19.85 7.56 3.04
C TYR B 253 19.88 6.60 1.85
N ASP B 254 20.66 6.98 0.84
CA ASP B 254 21.07 6.08 -0.22
C ASP B 254 21.74 4.88 0.45
N VAL B 255 21.62 3.73 -0.19
CA VAL B 255 21.92 2.45 0.43
C VAL B 255 23.41 2.37 0.83
N GLU B 256 24.31 2.82 -0.05
CA GLU B 256 25.72 2.77 0.27
C GLU B 256 26.04 3.53 1.55
N LYS B 257 25.52 4.75 1.68
CA LYS B 257 25.77 5.55 2.87
C LYS B 257 25.17 4.87 4.11
N SER B 258 23.95 4.35 3.98
CA SER B 258 23.26 3.74 5.11
C SER B 258 24.04 2.50 5.61
N VAL B 259 24.60 1.69 4.70
CA VAL B 259 25.27 0.47 5.14
C VAL B 259 26.70 0.82 5.61
N LYS B 260 27.28 1.92 5.13
CA LYS B 260 28.57 2.38 5.66
C LYS B 260 28.42 2.99 7.04
N LEU B 261 27.41 3.86 7.24
CA LEU B 261 27.15 4.40 8.58
C LEU B 261 26.93 3.26 9.57
N SER B 262 26.34 2.16 9.12
CA SER B 262 25.99 1.05 9.99
C SER B 262 27.25 0.36 10.50
N LEU B 263 28.19 0.10 9.58
CA LEU B 263 29.51 -0.42 9.92
C LEU B 263 30.23 0.51 10.88
N ASP B 264 30.22 1.82 10.59
CA ASP B 264 30.96 2.78 11.40
C ASP B 264 30.47 2.81 12.84
N TYR B 265 29.17 2.65 13.08
CA TYR B 265 28.67 2.58 14.45
C TYR B 265 29.36 1.47 15.23
N LEU B 266 29.44 0.29 14.64
CA LEU B 266 30.10 -0.85 15.25
C LEU B 266 31.62 -0.64 15.32
N LEU B 267 32.26 -0.09 14.28
CA LEU B 267 33.69 0.18 14.33
C LEU B 267 34.01 1.17 15.46
N GLU B 268 33.11 2.15 15.69
CA GLU B 268 33.31 3.14 16.73
C GLU B 268 32.95 2.60 18.11
N ALA B 269 32.10 1.56 18.19
CA ALA B 269 31.63 1.10 19.50
C ALA B 269 32.77 0.40 20.24
N PRO B 270 33.19 0.90 21.41
CA PRO B 270 34.22 0.21 22.20
C PRO B 270 33.80 -1.19 22.65
N PHE B 271 32.50 -1.47 22.77
CA PHE B 271 31.99 -2.77 23.23
C PHE B 271 31.96 -3.80 22.08
N VAL B 272 32.25 -3.40 20.84
CA VAL B 272 32.33 -4.38 19.77
C VAL B 272 33.80 -4.78 19.60
N LYS B 273 34.12 -6.05 19.86
CA LYS B 273 35.48 -6.57 19.75
C LYS B 273 35.88 -6.74 18.29
N ALA B 274 37.20 -6.87 18.08
CA ALA B 274 37.78 -6.98 16.75
C ALA B 274 37.46 -8.33 16.13
N SER B 275 37.25 -9.34 16.94
CA SER B 275 36.94 -10.65 16.41
C SER B 275 36.18 -11.43 17.46
N TYR B 276 35.23 -12.29 17.07
CA TYR B 276 34.49 -13.10 18.03
C TYR B 276 34.86 -14.57 17.86
N SER B 277 35.79 -14.91 16.96
CA SER B 277 35.92 -16.30 16.52
C SER B 277 37.15 -16.97 17.14
N LYS C 8 -37.66 -7.04 -10.15
CA LYS C 8 -36.86 -7.45 -8.96
C LYS C 8 -35.61 -8.20 -9.42
N LYS C 9 -34.44 -7.70 -9.07
CA LYS C 9 -33.16 -8.36 -9.37
C LYS C 9 -32.26 -8.25 -8.13
N ASP C 10 -31.36 -9.22 -7.93
CA ASP C 10 -30.49 -9.18 -6.77
C ASP C 10 -29.26 -8.35 -7.12
N ILE C 11 -29.22 -7.11 -6.60
CA ILE C 11 -28.18 -6.14 -6.92
C ILE C 11 -27.72 -5.49 -5.61
N GLY C 12 -26.40 -5.50 -5.41
CA GLY C 12 -25.80 -4.95 -4.20
C GLY C 12 -25.50 -3.47 -4.37
N ILE C 13 -25.29 -2.76 -3.25
CA ILE C 13 -24.87 -1.37 -3.25
C ILE C 13 -23.64 -1.21 -2.36
N GLN C 14 -22.56 -0.60 -2.86
CA GLN C 14 -21.44 -0.27 -1.98
C GLN C 14 -21.81 0.96 -1.16
N LEU C 15 -21.68 0.90 0.18
CA LEU C 15 -22.09 1.99 1.06
C LEU C 15 -21.16 3.19 0.92
N TYR C 16 -19.95 2.98 0.38
CA TYR C 16 -19.02 4.05 0.03
C TYR C 16 -19.71 5.05 -0.91
N SER C 17 -20.56 4.52 -1.82
CA SER C 17 -21.35 5.35 -2.71
C SER C 17 -22.15 6.41 -1.96
N VAL C 18 -22.64 6.09 -0.75
CA VAL C 18 -23.49 6.99 0.03
C VAL C 18 -22.71 7.55 1.24
N ARG C 19 -21.39 7.67 1.10
CA ARG C 19 -20.54 8.05 2.21
C ARG C 19 -20.86 9.46 2.74
N ASP C 20 -21.16 10.39 1.83
CA ASP C 20 -21.54 11.75 2.18
C ASP C 20 -22.82 11.78 3.02
N LEU C 21 -23.75 10.86 2.74
CA LEU C 21 -25.02 10.77 3.44
C LEU C 21 -24.81 10.24 4.85
N ILE C 22 -23.85 9.33 5.07
CA ILE C 22 -23.59 8.84 6.42
C ILE C 22 -22.72 9.89 7.12
N GLY C 23 -23.09 10.28 8.35
CA GLY C 23 -22.37 11.33 9.06
C GLY C 23 -22.57 11.17 10.56
N SER C 24 -21.82 11.95 11.36
CA SER C 24 -22.06 11.93 12.80
C SER C 24 -23.25 12.83 13.11
N PHE C 25 -24.32 12.22 13.63
CA PHE C 25 -25.49 12.96 14.10
C PHE C 25 -25.87 12.40 15.46
N GLY C 26 -26.05 13.28 16.45
CA GLY C 26 -26.27 12.84 17.81
C GLY C 26 -24.97 12.28 18.38
N ARG C 27 -25.10 11.46 19.43
CA ARG C 27 -23.96 10.74 19.96
C ARG C 27 -23.43 9.84 18.84
N ASN C 28 -24.35 9.35 17.98
CA ASN C 28 -24.03 8.41 16.91
C ASN C 28 -22.91 8.94 16.00
N GLN C 29 -21.80 8.19 15.91
CA GLN C 29 -20.65 8.59 15.11
C GLN C 29 -20.99 8.42 13.63
N HIS C 30 -21.67 7.33 13.25
CA HIS C 30 -22.02 7.16 11.85
C HIS C 30 -23.50 6.82 11.74
N ASP C 31 -24.29 7.76 11.24
CA ASP C 31 -25.74 7.62 11.20
C ASP C 31 -26.13 7.01 9.87
N TYR C 32 -25.94 5.68 9.70
CA TYR C 32 -26.16 5.02 8.43
C TYR C 32 -27.60 4.53 8.27
N LYS C 33 -28.38 4.46 9.37
CA LYS C 33 -29.71 3.85 9.29
C LYS C 33 -30.64 4.55 8.29
N PRO C 34 -30.72 5.91 8.24
CA PRO C 34 -31.57 6.54 7.21
C PRO C 34 -31.23 6.16 5.77
N VAL C 35 -29.93 6.14 5.40
CA VAL C 35 -29.54 5.80 4.02
C VAL C 35 -29.91 4.34 3.77
N LEU C 36 -29.71 3.46 4.77
CA LEU C 36 -30.04 2.05 4.58
C LEU C 36 -31.50 1.90 4.15
N LYS C 37 -32.40 2.63 4.83
CA LYS C 37 -33.81 2.59 4.49
C LYS C 37 -34.00 3.09 3.05
N ALA C 38 -33.36 4.21 2.70
CA ALA C 38 -33.48 4.78 1.36
C ALA C 38 -33.00 3.81 0.27
N LEU C 39 -31.88 3.12 0.52
CA LEU C 39 -31.35 2.15 -0.43
C LEU C 39 -32.29 0.96 -0.62
N ALA C 40 -32.86 0.49 0.49
CA ALA C 40 -33.84 -0.59 0.45
C ALA C 40 -35.06 -0.17 -0.37
N ASP C 41 -35.55 1.05 -0.14
CA ASP C 41 -36.72 1.54 -0.84
C ASP C 41 -36.44 1.63 -2.34
N MET C 42 -35.20 1.98 -2.74
CA MET C 42 -34.79 1.94 -4.14
C MET C 42 -34.94 0.54 -4.70
N GLY C 43 -34.71 -0.49 -3.87
CA GLY C 43 -34.80 -1.87 -4.34
C GLY C 43 -33.45 -2.59 -4.39
N TYR C 44 -32.40 -1.99 -3.81
CA TYR C 44 -31.15 -2.71 -3.61
C TYR C 44 -31.42 -3.86 -2.64
N THR C 45 -30.86 -5.05 -2.93
CA THR C 45 -31.15 -6.24 -2.15
C THR C 45 -30.01 -6.56 -1.18
N SER C 46 -28.85 -5.91 -1.32
CA SER C 46 -27.68 -6.29 -0.53
C SER C 46 -26.72 -5.11 -0.38
N ILE C 47 -25.85 -5.15 0.64
CA ILE C 47 -24.91 -4.06 0.93
C ILE C 47 -23.47 -4.58 0.95
N GLU C 48 -22.53 -3.77 0.47
CA GLU C 48 -21.12 -4.01 0.73
C GLU C 48 -20.69 -2.87 1.66
N ALA C 49 -20.17 -3.24 2.84
CA ALA C 49 -19.78 -2.24 3.84
C ALA C 49 -18.49 -1.55 3.42
N ALA C 50 -18.24 -0.36 3.98
CA ALA C 50 -16.96 0.31 3.80
C ALA C 50 -16.56 1.04 5.08
N SER C 51 -16.66 0.37 6.23
CA SER C 51 -16.36 0.99 7.52
C SER C 51 -16.21 -0.08 8.59
N TYR C 52 -15.02 -0.68 8.63
CA TYR C 52 -14.67 -1.71 9.58
C TYR C 52 -13.49 -1.21 10.41
N ASN C 53 -13.58 -1.34 11.74
CA ASN C 53 -12.44 -1.07 12.61
C ASN C 53 -12.62 -1.81 13.92
N ASP C 54 -11.59 -2.55 14.33
CA ASP C 54 -11.54 -3.14 15.66
C ASP C 54 -12.86 -3.83 15.99
N GLY C 55 -13.27 -4.74 15.12
CA GLY C 55 -14.38 -5.63 15.40
C GLY C 55 -15.74 -4.97 15.22
N LYS C 56 -15.76 -3.75 14.66
CA LYS C 56 -16.97 -2.95 14.56
C LYS C 56 -17.21 -2.46 13.14
N PHE C 57 -18.50 -2.32 12.80
CA PHE C 57 -18.91 -1.75 11.52
C PHE C 57 -19.65 -0.43 11.76
N TYR C 58 -19.14 0.66 11.16
CA TYR C 58 -19.72 1.99 11.33
C TYR C 58 -19.83 2.30 12.83
N GLY C 59 -18.86 1.80 13.61
CA GLY C 59 -18.84 2.07 15.04
C GLY C 59 -19.83 1.22 15.83
N ASN C 60 -20.50 0.26 15.18
CA ASN C 60 -21.44 -0.63 15.86
C ASN C 60 -20.93 -2.06 15.92
N THR C 61 -21.53 -2.84 16.84
CA THR C 61 -21.24 -4.27 16.93
C THR C 61 -21.62 -4.90 15.60
N PRO C 62 -20.92 -5.99 15.17
CA PRO C 62 -21.35 -6.72 13.99
C PRO C 62 -22.83 -7.12 14.11
N GLU C 63 -23.24 -7.50 15.34
CA GLU C 63 -24.59 -8.02 15.59
C GLU C 63 -25.65 -6.95 15.32
N GLU C 64 -25.44 -5.76 15.84
CA GLU C 64 -26.38 -4.68 15.63
C GLU C 64 -26.38 -4.20 14.18
N PHE C 65 -25.19 -4.10 13.55
CA PHE C 65 -25.09 -3.68 12.17
C PHE C 65 -25.89 -4.65 11.30
N ARG C 66 -25.74 -5.96 11.58
CA ARG C 66 -26.47 -7.00 10.87
C ARG C 66 -27.97 -6.78 11.07
N ARG C 67 -28.38 -6.52 12.30
CA ARG C 67 -29.80 -6.31 12.60
C ARG C 67 -30.34 -5.12 11.81
N ASP C 68 -29.58 -4.03 11.77
CA ASP C 68 -30.03 -2.82 11.09
C ASP C 68 -30.20 -3.07 9.59
N VAL C 69 -29.26 -3.80 8.99
CA VAL C 69 -29.33 -4.04 7.56
C VAL C 69 -30.52 -4.96 7.26
N GLU C 70 -30.63 -6.05 8.01
CA GLU C 70 -31.70 -7.01 7.79
C GLU C 70 -33.06 -6.43 8.15
N ALA C 71 -33.10 -5.44 9.05
CA ALA C 71 -34.35 -4.79 9.41
C ALA C 71 -35.01 -4.14 8.19
N VAL C 72 -34.23 -3.72 7.19
CA VAL C 72 -34.81 -3.06 6.03
C VAL C 72 -34.88 -4.04 4.86
N GLY C 73 -34.69 -5.33 5.16
CA GLY C 73 -34.89 -6.37 4.17
C GLY C 73 -33.68 -6.59 3.25
N MET C 74 -32.51 -6.01 3.57
CA MET C 74 -31.34 -6.24 2.72
C MET C 74 -30.40 -7.26 3.36
N LYS C 75 -29.54 -7.85 2.53
CA LYS C 75 -28.57 -8.84 2.95
C LYS C 75 -27.25 -8.14 3.26
N VAL C 76 -26.61 -8.50 4.37
CA VAL C 76 -25.26 -8.01 4.56
C VAL C 76 -24.33 -9.01 3.85
N LEU C 77 -23.80 -8.56 2.69
CA LEU C 77 -23.21 -9.46 1.70
C LEU C 77 -21.70 -9.43 1.83
N SER C 78 -21.12 -8.23 1.76
CA SER C 78 -19.69 -8.09 1.64
C SER C 78 -19.24 -6.85 2.40
N SER C 79 -17.92 -6.70 2.50
CA SER C 79 -17.28 -5.61 3.20
C SER C 79 -15.94 -5.30 2.53
N HIS C 80 -15.61 -4.00 2.44
CA HIS C 80 -14.27 -3.58 2.06
C HIS C 80 -13.48 -3.27 3.31
N CYS C 81 -12.36 -3.96 3.50
CA CYS C 81 -11.45 -3.69 4.58
C CYS C 81 -10.12 -4.37 4.30
N GLY C 82 -9.10 -3.97 5.04
CA GLY C 82 -7.84 -4.66 4.85
C GLY C 82 -6.65 -3.87 5.38
N LYS C 83 -5.79 -4.61 6.06
CA LYS C 83 -4.55 -4.09 6.61
C LYS C 83 -3.47 -4.26 5.55
N GLY C 84 -2.99 -3.16 4.98
CA GLY C 84 -1.86 -3.20 4.04
C GLY C 84 -0.59 -3.56 4.81
N LEU C 85 0.47 -3.96 4.09
CA LEU C 85 1.70 -4.34 4.76
C LEU C 85 2.54 -3.07 4.92
N SER C 86 3.17 -2.88 6.08
CA SER C 86 4.08 -1.75 6.22
C SER C 86 5.25 -1.94 5.26
N ASP C 87 6.04 -0.88 5.07
CA ASP C 87 7.25 -1.01 4.27
C ASP C 87 8.18 -2.04 4.91
N GLU C 88 8.23 -2.06 6.24
CA GLU C 88 9.14 -2.96 6.94
C GLU C 88 8.71 -4.43 6.75
N GLU C 89 7.40 -4.70 6.79
CA GLU C 89 6.90 -6.03 6.59
C GLU C 89 7.17 -6.49 5.15
N LEU C 90 7.07 -5.54 4.22
CA LEU C 90 7.25 -5.84 2.82
C LEU C 90 8.73 -6.15 2.54
N ALA C 91 9.64 -5.39 3.16
CA ALA C 91 11.07 -5.60 2.99
C ALA C 91 11.50 -6.88 3.71
N SER C 92 10.90 -7.17 4.87
CA SER C 92 11.20 -8.39 5.60
C SER C 92 10.57 -9.61 4.93
N GLY C 93 9.51 -9.39 4.12
CA GLY C 93 8.72 -10.50 3.63
C GLY C 93 7.93 -11.19 4.75
N ASP C 94 8.01 -10.72 6.01
CA ASP C 94 7.30 -11.41 7.07
C ASP C 94 6.06 -10.63 7.48
N PHE C 95 4.87 -11.15 7.15
CA PHE C 95 3.62 -10.45 7.42
C PHE C 95 2.86 -11.10 8.59
N SER C 96 3.54 -11.92 9.39
CA SER C 96 2.84 -12.70 10.41
C SER C 96 2.27 -11.80 11.51
N GLU C 97 2.83 -10.60 11.72
CA GLU C 97 2.29 -9.66 12.70
C GLU C 97 0.88 -9.17 12.34
N SER C 98 0.61 -8.93 11.04
CA SER C 98 -0.70 -8.49 10.57
C SER C 98 -1.80 -9.55 10.70
N MET C 99 -1.45 -10.82 10.96
CA MET C 99 -2.42 -11.88 10.80
C MET C 99 -3.39 -11.96 11.98
N LYS C 100 -3.00 -11.43 13.14
CA LYS C 100 -3.85 -11.49 14.33
C LYS C 100 -5.03 -10.54 14.13
N TRP C 101 -4.74 -9.41 13.48
CA TRP C 101 -5.74 -8.43 13.07
C TRP C 101 -6.80 -9.12 12.25
N TRP C 102 -6.39 -10.02 11.35
CA TRP C 102 -7.34 -10.70 10.49
C TRP C 102 -8.23 -11.66 11.27
N ASP C 103 -7.73 -12.23 12.37
CA ASP C 103 -8.54 -13.17 13.14
C ASP C 103 -9.78 -12.48 13.69
N GLN C 104 -9.55 -11.32 14.29
CA GLN C 104 -10.63 -10.48 14.77
C GLN C 104 -11.55 -10.06 13.62
N CYS C 105 -10.94 -9.66 12.50
CA CYS C 105 -11.64 -9.09 11.36
C CYS C 105 -12.61 -10.13 10.77
N ILE C 106 -12.08 -11.34 10.54
CA ILE C 106 -12.83 -12.45 9.98
C ILE C 106 -14.01 -12.83 10.89
N ALA C 107 -13.79 -12.91 12.21
CA ALA C 107 -14.84 -13.25 13.18
C ALA C 107 -15.97 -12.22 13.22
N ALA C 108 -15.58 -10.93 13.24
CA ALA C 108 -16.53 -9.84 13.17
C ALA C 108 -17.34 -9.90 11.89
N HIS C 109 -16.68 -10.07 10.73
CA HIS C 109 -17.39 -10.21 9.47
C HIS C 109 -18.36 -11.38 9.51
N LYS C 110 -17.93 -12.54 10.03
CA LYS C 110 -18.81 -13.69 10.10
C LYS C 110 -20.02 -13.42 11.02
N ALA C 111 -19.80 -12.77 12.17
CA ALA C 111 -20.89 -12.32 13.03
C ALA C 111 -21.85 -11.35 12.33
N ALA C 112 -21.39 -10.57 11.34
CA ALA C 112 -22.31 -9.65 10.68
C ALA C 112 -23.09 -10.31 9.54
N GLY C 113 -22.83 -11.59 9.29
CA GLY C 113 -23.54 -12.33 8.25
C GLY C 113 -22.82 -12.27 6.91
N MET C 114 -21.62 -11.71 6.87
CA MET C 114 -20.95 -11.47 5.60
C MET C 114 -20.66 -12.79 4.88
N GLU C 115 -20.82 -12.80 3.57
CA GLU C 115 -20.41 -13.94 2.78
C GLU C 115 -19.01 -13.70 2.22
N TYR C 116 -18.63 -12.44 2.02
CA TYR C 116 -17.34 -12.11 1.42
C TYR C 116 -16.65 -10.99 2.22
N ILE C 117 -15.32 -10.97 2.14
CA ILE C 117 -14.53 -9.84 2.61
C ILE C 117 -13.65 -9.48 1.43
N VAL C 118 -13.50 -8.18 1.15
CA VAL C 118 -12.69 -7.76 0.00
C VAL C 118 -11.73 -6.67 0.44
N THR C 119 -10.46 -6.86 0.09
CA THR C 119 -9.48 -5.81 0.27
C THR C 119 -9.65 -4.85 -0.89
N PRO C 120 -9.82 -3.54 -0.62
CA PRO C 120 -10.10 -2.58 -1.68
C PRO C 120 -8.88 -2.04 -2.41
N TYR C 121 -7.69 -2.22 -1.85
CA TYR C 121 -6.51 -1.53 -2.37
C TYR C 121 -5.20 -2.13 -1.86
N LEU C 122 -4.29 -2.42 -2.79
CA LEU C 122 -2.89 -2.62 -2.49
C LEU C 122 -2.14 -1.84 -3.55
N PRO C 123 -1.04 -1.16 -3.19
CA PRO C 123 -0.30 -0.34 -4.15
C PRO C 123 0.54 -1.22 -5.05
N VAL C 124 0.98 -0.66 -6.15
CA VAL C 124 1.88 -1.35 -7.05
C VAL C 124 3.20 -1.49 -6.33
N PRO C 125 3.72 -2.70 -6.09
CA PRO C 125 5.03 -2.84 -5.47
C PRO C 125 6.11 -2.55 -6.51
N LYS C 126 7.35 -2.34 -6.06
CA LYS C 126 8.44 -1.99 -6.95
C LYS C 126 9.05 -3.22 -7.61
N THR C 127 9.01 -4.37 -6.91
CA THR C 127 9.67 -5.60 -7.32
C THR C 127 8.68 -6.76 -7.34
N LEU C 128 8.99 -7.77 -8.15
CA LEU C 128 8.24 -9.01 -8.19
C LEU C 128 8.35 -9.74 -6.86
N LYS C 129 9.50 -9.59 -6.18
CA LYS C 129 9.64 -10.20 -4.87
C LYS C 129 8.59 -9.60 -3.92
N GLU C 130 8.38 -8.28 -3.99
CA GLU C 130 7.40 -7.65 -3.13
C GLU C 130 6.01 -8.14 -3.53
N MET C 131 5.75 -8.15 -4.85
CA MET C 131 4.47 -8.68 -5.31
C MET C 131 4.22 -10.06 -4.71
N GLN C 132 5.23 -10.93 -4.75
CA GLN C 132 5.08 -12.29 -4.26
C GLN C 132 4.69 -12.30 -2.79
N THR C 133 5.32 -11.42 -1.98
CA THR C 133 4.97 -11.30 -0.59
C THR C 133 3.49 -10.98 -0.45
N TYR C 134 2.99 -10.06 -1.27
CA TYR C 134 1.56 -9.73 -1.30
C TYR C 134 0.73 -10.98 -1.60
N CYS C 135 1.20 -11.78 -2.56
CA CYS C 135 0.44 -12.97 -2.89
C CYS C 135 0.42 -13.96 -1.73
N ASP C 136 1.54 -14.09 -1.01
CA ASP C 136 1.58 -14.99 0.13
C ASP C 136 0.58 -14.53 1.19
N TYR C 137 0.58 -13.20 1.44
CA TYR C 137 -0.33 -12.55 2.38
C TYR C 137 -1.77 -12.79 1.98
N LEU C 138 -2.12 -12.54 0.71
CA LEU C 138 -3.48 -12.72 0.23
C LEU C 138 -3.89 -14.19 0.34
N ASN C 139 -3.00 -15.11 -0.05
CA ASN C 139 -3.31 -16.52 0.17
C ASN C 139 -3.59 -16.83 1.64
N ALA C 140 -2.74 -16.31 2.52
CA ALA C 140 -2.85 -16.61 3.94
C ALA C 140 -4.16 -16.05 4.50
N ILE C 141 -4.55 -14.83 4.09
CA ILE C 141 -5.80 -14.26 4.56
C ILE C 141 -6.95 -15.11 4.03
N GLY C 142 -6.93 -15.36 2.71
CA GLY C 142 -7.97 -16.14 2.08
C GLY C 142 -8.15 -17.51 2.73
N LYS C 143 -7.05 -18.15 3.14
CA LYS C 143 -7.12 -19.47 3.77
C LYS C 143 -7.87 -19.38 5.11
N LYS C 144 -7.55 -18.36 5.92
CA LYS C 144 -8.24 -18.14 7.17
C LYS C 144 -9.71 -17.85 6.93
N CYS C 145 -9.99 -17.03 5.91
CA CYS C 145 -11.37 -16.72 5.56
C CYS C 145 -12.06 -18.02 5.16
N ARG C 146 -11.41 -18.85 4.34
CA ARG C 146 -12.01 -20.09 3.87
C ARG C 146 -12.33 -20.97 5.08
N GLU C 147 -11.40 -21.02 6.05
CA GLU C 147 -11.63 -21.83 7.24
C GLU C 147 -12.84 -21.30 8.03
N ALA C 148 -13.14 -20.00 7.93
CA ALA C 148 -14.29 -19.48 8.66
C ALA C 148 -15.55 -19.47 7.80
N GLY C 149 -15.49 -19.96 6.56
CA GLY C 149 -16.67 -20.01 5.71
C GLY C 149 -16.91 -18.69 4.97
N ILE C 150 -15.86 -17.89 4.78
CA ILE C 150 -15.97 -16.61 4.08
C ILE C 150 -15.06 -16.60 2.84
N LYS C 151 -15.54 -16.02 1.75
CA LYS C 151 -14.74 -15.90 0.54
C LYS C 151 -14.06 -14.54 0.52
N TYR C 152 -12.72 -14.58 0.42
CA TYR C 152 -11.89 -13.40 0.45
C TYR C 152 -11.53 -13.02 -0.98
N GLY C 153 -11.58 -11.71 -1.24
CA GLY C 153 -11.36 -11.19 -2.58
C GLY C 153 -10.51 -9.92 -2.55
N TYR C 154 -10.16 -9.47 -3.75
CA TYR C 154 -9.32 -8.29 -3.98
C TYR C 154 -10.04 -7.41 -5.00
N HIS C 155 -10.18 -6.12 -4.67
CA HIS C 155 -10.84 -5.14 -5.55
C HIS C 155 -9.78 -4.21 -6.17
N ASN C 156 -9.79 -4.11 -7.51
CA ASN C 156 -8.82 -3.34 -8.28
C ASN C 156 -9.28 -1.89 -8.53
N HIS C 157 -8.30 -1.00 -8.76
CA HIS C 157 -8.47 0.27 -9.45
C HIS C 157 -7.77 0.13 -10.81
N ALA C 158 -7.07 1.16 -11.27
CA ALA C 158 -6.44 1.09 -12.58
C ALA C 158 -4.97 0.69 -12.45
N HIS C 159 -4.36 1.01 -11.29
CA HIS C 159 -2.91 0.89 -11.14
C HIS C 159 -2.47 -0.58 -11.26
N GLU C 160 -3.38 -1.52 -10.98
CA GLU C 160 -2.98 -2.92 -11.00
C GLU C 160 -2.77 -3.40 -12.44
N PHE C 161 -2.99 -2.54 -13.45
CA PHE C 161 -2.80 -2.95 -14.83
C PHE C 161 -1.39 -2.54 -15.27
N GLN C 162 -0.63 -1.94 -14.35
CA GLN C 162 0.76 -1.62 -14.62
C GLN C 162 1.59 -2.89 -14.51
N LYS C 163 2.75 -2.85 -15.14
CA LYS C 163 3.75 -3.90 -15.03
C LYS C 163 4.68 -3.60 -13.87
N ILE C 164 5.16 -4.68 -13.26
CA ILE C 164 6.17 -4.62 -12.23
C ILE C 164 7.47 -5.11 -12.87
N GLU C 165 8.53 -4.30 -12.75
CA GLU C 165 9.86 -4.60 -13.28
C GLU C 165 9.77 -4.78 -14.78
N ASP C 166 8.75 -4.15 -15.38
CA ASP C 166 8.47 -4.28 -16.79
C ASP C 166 8.31 -5.74 -17.19
N LYS C 167 7.91 -6.62 -16.25
CA LYS C 167 7.83 -8.05 -16.51
C LYS C 167 6.40 -8.58 -16.40
N ALA C 168 5.69 -8.29 -15.32
CA ALA C 168 4.40 -8.92 -15.06
C ALA C 168 3.40 -7.82 -14.75
N VAL C 169 2.22 -7.90 -15.33
CA VAL C 169 1.13 -7.04 -14.92
C VAL C 169 0.68 -7.47 -13.53
N MET C 170 0.47 -6.49 -12.67
CA MET C 170 0.24 -6.73 -11.25
C MET C 170 -1.01 -7.59 -11.07
N LEU C 171 -2.13 -7.26 -11.70
CA LEU C 171 -3.33 -8.04 -11.40
C LEU C 171 -3.15 -9.49 -11.87
N ASP C 172 -2.41 -9.65 -12.97
CA ASP C 172 -2.18 -10.96 -13.56
C ASP C 172 -1.35 -11.77 -12.58
N TYR C 173 -0.27 -11.16 -12.09
CA TYR C 173 0.59 -11.82 -11.14
C TYR C 173 -0.24 -12.31 -9.95
N MET C 174 -1.10 -11.42 -9.43
CA MET C 174 -1.90 -11.71 -8.24
C MET C 174 -2.81 -12.92 -8.47
N ILE C 175 -3.49 -12.89 -9.62
CA ILE C 175 -4.43 -13.95 -9.95
C ILE C 175 -3.66 -15.26 -10.12
N GLU C 176 -2.55 -15.23 -10.86
CA GLU C 176 -1.79 -16.41 -11.19
C GLU C 176 -1.10 -17.00 -9.96
N ASN C 177 -0.74 -16.20 -8.95
CA ASN C 177 0.00 -16.70 -7.78
C ASN C 177 -0.84 -16.71 -6.51
N THR C 178 -2.16 -16.83 -6.65
CA THR C 178 -3.02 -17.08 -5.50
C THR C 178 -3.93 -18.24 -5.87
N ASP C 179 -4.27 -19.07 -4.89
CA ASP C 179 -5.18 -20.17 -5.17
C ASP C 179 -6.61 -19.64 -5.29
N PRO C 180 -7.38 -20.14 -6.29
CA PRO C 180 -8.78 -19.74 -6.48
C PRO C 180 -9.67 -19.78 -5.24
N GLU C 181 -9.44 -20.75 -4.36
CA GLU C 181 -10.25 -20.92 -3.16
C GLU C 181 -9.79 -19.93 -2.10
N ASN C 182 -8.60 -19.34 -2.27
CA ASN C 182 -8.13 -18.35 -1.33
C ASN C 182 -8.50 -16.93 -1.76
N LEU C 183 -8.54 -16.66 -3.06
CA LEU C 183 -8.75 -15.30 -3.53
C LEU C 183 -9.55 -15.30 -4.81
N PHE C 184 -10.61 -14.48 -4.83
CA PHE C 184 -11.32 -14.15 -6.06
C PHE C 184 -11.04 -12.66 -6.32
N ILE C 185 -11.35 -12.19 -7.53
CA ILE C 185 -11.21 -10.79 -7.86
C ILE C 185 -12.59 -10.18 -7.97
N GLU C 186 -12.84 -9.14 -7.17
CA GLU C 186 -14.02 -8.30 -7.30
C GLU C 186 -13.66 -7.25 -8.32
N LEU C 187 -13.96 -7.54 -9.59
CA LEU C 187 -13.42 -6.75 -10.67
C LEU C 187 -14.25 -5.47 -10.78
N ASP C 188 -13.59 -4.32 -10.61
CA ASP C 188 -14.19 -3.04 -10.94
C ASP C 188 -14.00 -2.77 -12.43
N VAL C 189 -15.10 -2.80 -13.16
CA VAL C 189 -15.03 -2.78 -14.63
C VAL C 189 -14.66 -1.38 -15.16
N TYR C 190 -15.14 -0.34 -14.49
CA TYR C 190 -14.75 1.03 -14.81
C TYR C 190 -13.23 1.19 -14.68
N TRP C 191 -12.66 0.79 -13.54
CA TRP C 191 -11.23 1.01 -13.33
C TRP C 191 -10.43 0.11 -14.28
N ALA C 192 -10.96 -1.09 -14.58
CA ALA C 192 -10.31 -1.95 -15.56
C ALA C 192 -10.19 -1.19 -16.87
N VAL C 193 -11.28 -0.56 -17.30
CA VAL C 193 -11.25 0.14 -18.58
C VAL C 193 -10.27 1.31 -18.52
N MET C 194 -10.25 2.01 -17.38
CA MET C 194 -9.35 3.11 -17.16
C MET C 194 -7.91 2.66 -17.25
N GLY C 195 -7.64 1.37 -16.93
CA GLY C 195 -6.32 0.78 -17.09
C GLY C 195 -6.11 0.12 -18.46
N LYS C 196 -7.05 0.34 -19.40
CA LYS C 196 -6.96 -0.09 -20.79
C LYS C 196 -7.11 -1.60 -20.87
N ALA C 197 -7.81 -2.16 -19.89
CA ALA C 197 -8.06 -3.58 -19.83
C ALA C 197 -9.48 -3.86 -20.31
N SER C 198 -9.62 -4.98 -21.04
CA SER C 198 -10.91 -5.54 -21.43
C SER C 198 -11.44 -6.46 -20.32
N PRO C 199 -12.54 -6.10 -19.63
CA PRO C 199 -13.14 -6.99 -18.65
C PRO C 199 -13.34 -8.39 -19.22
N VAL C 200 -13.84 -8.47 -20.46
CA VAL C 200 -14.21 -9.76 -21.01
C VAL C 200 -12.93 -10.57 -21.27
N ASP C 201 -11.88 -9.96 -21.85
CA ASP C 201 -10.65 -10.70 -22.09
C ASP C 201 -10.09 -11.21 -20.77
N TYR C 202 -10.21 -10.42 -19.69
CA TYR C 202 -9.76 -10.88 -18.38
C TYR C 202 -10.60 -12.07 -17.95
N PHE C 203 -11.91 -12.02 -18.21
CA PHE C 203 -12.77 -13.13 -17.85
C PHE C 203 -12.31 -14.41 -18.54
N HIS C 204 -11.92 -14.31 -19.81
CA HIS C 204 -11.57 -15.46 -20.62
C HIS C 204 -10.17 -15.96 -20.26
N LYS C 205 -9.32 -15.07 -19.71
CA LYS C 205 -7.96 -15.44 -19.34
C LYS C 205 -7.99 -16.12 -17.97
N TYR C 206 -8.88 -15.69 -17.05
CA TYR C 206 -8.97 -16.23 -15.69
C TYR C 206 -10.40 -16.64 -15.38
N PRO C 207 -10.94 -17.63 -16.12
CA PRO C 207 -12.32 -18.08 -15.91
C PRO C 207 -12.56 -18.49 -14.46
N GLY C 208 -13.76 -18.17 -13.94
CA GLY C 208 -14.16 -18.52 -12.58
C GLY C 208 -13.64 -17.56 -11.50
N ARG C 209 -12.63 -16.73 -11.79
CA ARG C 209 -11.99 -15.99 -10.70
C ARG C 209 -12.73 -14.72 -10.30
N PHE C 210 -13.72 -14.27 -11.07
CA PHE C 210 -14.39 -13.01 -10.80
C PHE C 210 -15.75 -13.26 -10.16
N LYS C 211 -15.74 -13.56 -8.85
CA LYS C 211 -16.95 -14.01 -8.19
C LYS C 211 -17.88 -12.85 -7.90
N MET C 212 -17.34 -11.63 -7.95
CA MET C 212 -18.16 -10.43 -7.82
C MET C 212 -17.63 -9.37 -8.77
N LEU C 213 -18.56 -8.59 -9.33
CA LEU C 213 -18.23 -7.36 -10.05
C LEU C 213 -18.60 -6.12 -9.24
N HIS C 214 -17.72 -5.12 -9.33
CA HIS C 214 -18.13 -3.76 -9.07
C HIS C 214 -18.54 -3.13 -10.40
N ILE C 215 -19.85 -2.93 -10.46
CA ILE C 215 -20.51 -2.22 -11.52
C ILE C 215 -20.39 -0.74 -11.19
N LYS C 216 -19.35 -0.14 -11.77
CA LYS C 216 -19.06 1.26 -11.65
C LYS C 216 -18.94 1.87 -13.05
N ASP C 217 -19.20 3.16 -13.13
CA ASP C 217 -19.01 3.95 -14.33
C ASP C 217 -18.31 5.22 -13.84
N ARG C 218 -18.18 6.22 -14.71
CA ARG C 218 -17.64 7.52 -14.30
C ARG C 218 -18.58 8.12 -13.25
N ARG C 219 -19.87 8.08 -13.56
CA ARG C 219 -20.91 8.64 -12.71
C ARG C 219 -22.02 7.61 -12.65
N GLU C 220 -23.21 7.97 -13.13
CA GLU C 220 -24.32 7.04 -13.11
C GLU C 220 -23.98 5.87 -14.04
N ILE C 221 -24.40 4.68 -13.59
CA ILE C 221 -24.10 3.44 -14.31
C ILE C 221 -24.73 3.52 -15.69
N GLY C 222 -23.92 3.33 -16.72
CA GLY C 222 -24.45 3.20 -18.07
C GLY C 222 -24.65 4.53 -18.79
N GLN C 223 -24.07 5.63 -18.28
CA GLN C 223 -24.33 6.94 -18.85
C GLN C 223 -23.12 7.55 -19.57
N SER C 224 -21.90 7.12 -19.28
CA SER C 224 -20.70 7.76 -19.81
C SER C 224 -20.36 7.38 -21.24
N GLY C 225 -20.61 6.12 -21.60
CA GLY C 225 -20.18 5.55 -22.86
C GLY C 225 -18.84 4.85 -22.76
N MET C 226 -18.35 4.65 -21.53
CA MET C 226 -17.01 4.17 -21.26
C MET C 226 -17.03 2.72 -20.79
N VAL C 227 -18.20 2.14 -20.54
CA VAL C 227 -18.25 0.77 -20.04
C VAL C 227 -19.25 -0.05 -20.85
N GLY C 228 -18.78 -1.17 -21.39
CA GLY C 228 -19.61 -2.05 -22.19
C GLY C 228 -20.31 -3.09 -21.31
N PHE C 229 -21.29 -2.64 -20.52
CA PHE C 229 -21.99 -3.50 -19.57
C PHE C 229 -22.60 -4.71 -20.27
N ASP C 230 -23.17 -4.51 -21.47
CA ASP C 230 -23.74 -5.60 -22.24
C ASP C 230 -22.74 -6.76 -22.36
N ALA C 231 -21.55 -6.48 -22.86
CA ALA C 231 -20.54 -7.50 -23.09
C ALA C 231 -20.16 -8.18 -21.76
N ILE C 232 -19.96 -7.34 -20.73
CA ILE C 232 -19.52 -7.82 -19.43
C ILE C 232 -20.53 -8.85 -18.93
N PHE C 233 -21.82 -8.51 -19.03
CA PHE C 233 -22.86 -9.37 -18.44
C PHE C 233 -23.05 -10.65 -19.27
N GLU C 234 -22.80 -10.53 -20.56
CA GLU C 234 -22.95 -11.67 -21.45
C GLU C 234 -21.87 -12.69 -21.15
N ASN C 235 -20.78 -12.26 -20.53
CA ASN C 235 -19.66 -13.14 -20.27
C ASN C 235 -19.56 -13.48 -18.78
N ALA C 236 -20.65 -13.27 -18.03
CA ALA C 236 -20.65 -13.37 -16.58
C ALA C 236 -20.46 -14.81 -16.11
N LYS C 237 -20.93 -15.77 -16.90
CA LYS C 237 -20.76 -17.16 -16.54
C LYS C 237 -19.29 -17.55 -16.63
N THR C 238 -18.60 -17.24 -17.71
CA THR C 238 -17.18 -17.51 -17.81
C THR C 238 -16.48 -16.86 -16.62
N ALA C 239 -16.88 -15.61 -16.31
CA ALA C 239 -16.22 -14.86 -15.25
C ALA C 239 -16.34 -15.59 -13.92
N GLY C 240 -17.53 -16.15 -13.66
CA GLY C 240 -17.85 -16.78 -12.38
C GLY C 240 -18.66 -15.88 -11.45
N VAL C 241 -19.37 -14.90 -12.03
CA VAL C 241 -20.06 -13.91 -11.22
C VAL C 241 -21.12 -14.58 -10.34
N GLU C 242 -21.07 -14.26 -9.05
CA GLU C 242 -22.06 -14.72 -8.09
C GLU C 242 -22.95 -13.57 -7.63
N ASN C 243 -22.36 -12.37 -7.52
CA ASN C 243 -23.07 -11.19 -7.07
C ASN C 243 -22.48 -9.96 -7.77
N ILE C 244 -23.32 -8.95 -7.99
CA ILE C 244 -22.90 -7.68 -8.54
C ILE C 244 -23.24 -6.56 -7.55
N ILE C 245 -22.33 -5.60 -7.51
CA ILE C 245 -22.39 -4.52 -6.54
C ILE C 245 -22.21 -3.20 -7.29
N VAL C 246 -23.22 -2.34 -7.16
CA VAL C 246 -23.17 -0.99 -7.70
C VAL C 246 -22.22 -0.15 -6.85
N GLU C 247 -21.29 0.56 -7.52
CA GLU C 247 -20.50 1.59 -6.86
C GLU C 247 -20.62 2.89 -7.65
N VAL C 248 -20.86 4.00 -6.93
CA VAL C 248 -20.97 5.31 -7.54
C VAL C 248 -20.26 6.29 -6.62
N GLU C 249 -19.26 7.02 -7.15
CA GLU C 249 -18.38 7.85 -6.35
C GLU C 249 -18.46 9.32 -6.78
N GLN C 250 -18.96 9.54 -8.00
CA GLN C 250 -19.13 10.86 -8.59
C GLN C 250 -20.54 10.86 -9.16
N TYR C 251 -21.19 12.02 -9.15
CA TYR C 251 -22.63 12.12 -9.30
C TYR C 251 -23.04 13.29 -10.19
N SER C 252 -23.98 13.00 -11.10
CA SER C 252 -24.59 14.06 -11.90
C SER C 252 -25.70 14.75 -11.11
N TYR C 253 -26.22 14.08 -10.06
CA TYR C 253 -27.36 14.56 -9.31
C TYR C 253 -27.07 14.49 -7.81
N ASP C 254 -28.10 14.70 -6.99
CA ASP C 254 -28.00 14.36 -5.58
C ASP C 254 -27.66 12.87 -5.52
N VAL C 255 -26.98 12.46 -4.45
CA VAL C 255 -26.42 11.12 -4.36
C VAL C 255 -27.50 10.05 -4.51
N GLU C 256 -28.61 10.19 -3.77
CA GLU C 256 -29.64 9.17 -3.79
C GLU C 256 -30.21 8.97 -5.19
N LYS C 257 -30.42 10.07 -5.92
CA LYS C 257 -30.98 9.97 -7.26
C LYS C 257 -30.00 9.24 -8.19
N SER C 258 -28.74 9.63 -8.07
CA SER C 258 -27.69 9.07 -8.90
C SER C 258 -27.56 7.56 -8.65
N VAL C 259 -27.69 7.12 -7.39
CA VAL C 259 -27.57 5.69 -7.10
C VAL C 259 -28.88 4.97 -7.48
N LYS C 260 -30.03 5.66 -7.37
CA LYS C 260 -31.31 5.13 -7.83
C LYS C 260 -31.28 4.94 -9.34
N LEU C 261 -30.77 5.92 -10.08
CA LEU C 261 -30.83 5.80 -11.53
C LEU C 261 -29.88 4.69 -11.98
N SER C 262 -28.75 4.56 -11.27
CA SER C 262 -27.79 3.49 -11.52
C SER C 262 -28.46 2.12 -11.41
N LEU C 263 -29.20 1.90 -10.31
CA LEU C 263 -29.94 0.66 -10.13
C LEU C 263 -30.91 0.43 -11.29
N ASP C 264 -31.66 1.49 -11.64
CA ASP C 264 -32.67 1.43 -12.69
C ASP C 264 -32.05 0.93 -14.01
N TYR C 265 -30.86 1.42 -14.35
CA TYR C 265 -30.19 0.96 -15.57
C TYR C 265 -30.08 -0.58 -15.56
N LEU C 266 -29.61 -1.16 -14.45
CA LEU C 266 -29.46 -2.60 -14.35
C LEU C 266 -30.82 -3.32 -14.32
N LEU C 267 -31.81 -2.75 -13.63
CA LEU C 267 -33.14 -3.35 -13.61
C LEU C 267 -33.74 -3.36 -15.02
N GLU C 268 -33.48 -2.31 -15.80
CA GLU C 268 -34.02 -2.18 -17.15
C GLU C 268 -33.23 -3.02 -18.16
N ALA C 269 -31.96 -3.31 -17.87
CA ALA C 269 -31.13 -4.03 -18.82
C ALA C 269 -31.53 -5.50 -18.91
N PRO C 270 -31.90 -6.03 -20.10
CA PRO C 270 -32.21 -7.45 -20.23
C PRO C 270 -31.00 -8.38 -20.09
N PHE C 271 -29.78 -7.87 -20.29
CA PHE C 271 -28.61 -8.71 -20.09
C PHE C 271 -28.26 -8.88 -18.60
N VAL C 272 -28.95 -8.19 -17.69
CA VAL C 272 -28.68 -8.41 -16.28
C VAL C 272 -29.73 -9.38 -15.73
N LYS C 273 -29.29 -10.58 -15.33
CA LYS C 273 -30.19 -11.58 -14.80
C LYS C 273 -30.65 -11.19 -13.40
N ALA C 274 -31.71 -11.86 -12.94
CA ALA C 274 -32.33 -11.56 -11.66
C ALA C 274 -31.44 -12.04 -10.49
N SER C 275 -30.57 -13.00 -10.74
CA SER C 275 -29.75 -13.55 -9.67
C SER C 275 -28.54 -14.20 -10.29
N TYR C 276 -27.37 -14.02 -9.68
CA TYR C 276 -26.17 -14.69 -10.17
C TYR C 276 -25.71 -15.78 -9.20
N SER C 277 -26.38 -16.01 -8.06
CA SER C 277 -25.76 -16.83 -7.02
C SER C 277 -26.34 -18.25 -6.97
N LYS D 8 -32.28 -4.12 -41.41
CA LYS D 8 -31.92 -3.10 -42.42
C LYS D 8 -31.59 -1.79 -41.70
N LYS D 9 -30.30 -1.46 -41.63
CA LYS D 9 -29.83 -0.21 -41.04
C LYS D 9 -28.71 0.37 -41.90
N ASP D 10 -28.62 1.70 -41.91
CA ASP D 10 -27.57 2.40 -42.63
C ASP D 10 -26.31 2.42 -41.76
N ILE D 11 -25.34 1.59 -42.14
CA ILE D 11 -24.11 1.42 -41.38
C ILE D 11 -22.95 1.31 -42.36
N GLY D 12 -21.95 2.15 -42.14
CA GLY D 12 -20.79 2.20 -42.99
C GLY D 12 -19.66 1.32 -42.47
N ILE D 13 -18.64 1.16 -43.33
CA ILE D 13 -17.48 0.36 -42.99
C ILE D 13 -16.24 1.11 -43.47
N GLN D 14 -15.22 1.17 -42.59
CA GLN D 14 -13.92 1.71 -42.93
C GLN D 14 -13.16 0.60 -43.65
N LEU D 15 -12.66 0.89 -44.85
CA LEU D 15 -12.03 -0.13 -45.68
C LEU D 15 -10.67 -0.52 -45.10
N TYR D 16 -10.12 0.31 -44.22
CA TYR D 16 -8.97 -0.05 -43.43
C TYR D 16 -9.23 -1.36 -42.69
N SER D 17 -10.49 -1.59 -42.25
CA SER D 17 -10.82 -2.82 -41.55
C SER D 17 -10.46 -4.05 -42.37
N VAL D 18 -10.52 -3.94 -43.69
CA VAL D 18 -10.30 -5.10 -44.55
C VAL D 18 -9.04 -4.92 -45.39
N ARG D 19 -8.04 -4.26 -44.83
CA ARG D 19 -6.84 -3.90 -45.58
C ARG D 19 -6.11 -5.17 -46.00
N ASP D 20 -6.14 -6.20 -45.15
CA ASP D 20 -5.46 -7.46 -45.43
C ASP D 20 -6.20 -8.30 -46.50
N LEU D 21 -7.46 -7.97 -46.82
CA LEU D 21 -8.21 -8.69 -47.85
C LEU D 21 -8.14 -7.96 -49.19
N ILE D 22 -7.34 -6.91 -49.26
CA ILE D 22 -7.19 -6.17 -50.51
C ILE D 22 -5.75 -6.41 -50.96
N GLY D 23 -5.56 -7.35 -51.89
CA GLY D 23 -4.22 -7.73 -52.31
C GLY D 23 -4.06 -7.48 -53.80
N SER D 24 -3.44 -8.43 -54.50
CA SER D 24 -3.33 -8.34 -55.95
C SER D 24 -3.75 -9.65 -56.60
N PHE D 25 -4.17 -9.50 -57.87
CA PHE D 25 -4.60 -10.58 -58.73
C PHE D 25 -4.22 -10.16 -60.13
N GLY D 26 -3.25 -10.85 -60.72
CA GLY D 26 -2.63 -10.42 -61.98
C GLY D 26 -1.95 -9.07 -61.80
N ARG D 27 -2.12 -8.18 -62.80
CA ARG D 27 -1.51 -6.86 -62.82
C ARG D 27 -2.32 -5.89 -61.94
N ASN D 28 -3.43 -6.35 -61.34
CA ASN D 28 -4.20 -5.51 -60.43
C ASN D 28 -3.61 -5.52 -59.01
N GLN D 29 -2.90 -4.43 -58.67
CA GLN D 29 -2.13 -4.27 -57.45
C GLN D 29 -3.01 -4.03 -56.21
N HIS D 30 -4.22 -3.50 -56.40
CA HIS D 30 -5.07 -3.13 -55.26
C HIS D 30 -6.43 -3.73 -55.52
N ASP D 31 -6.60 -5.01 -55.18
CA ASP D 31 -7.70 -5.75 -55.72
C ASP D 31 -8.85 -5.73 -54.72
N TYR D 32 -9.59 -4.61 -54.71
CA TYR D 32 -10.53 -4.33 -53.63
C TYR D 32 -11.95 -4.77 -53.97
N LYS D 33 -12.25 -5.07 -55.24
CA LYS D 33 -13.63 -5.31 -55.63
C LYS D 33 -14.21 -6.53 -54.94
N PRO D 34 -13.47 -7.66 -54.81
CA PRO D 34 -14.01 -8.80 -54.09
C PRO D 34 -14.45 -8.50 -52.66
N VAL D 35 -13.69 -7.68 -51.90
CA VAL D 35 -14.12 -7.38 -50.54
C VAL D 35 -15.35 -6.51 -50.59
N LEU D 36 -15.37 -5.55 -51.52
CA LEU D 36 -16.52 -4.67 -51.64
C LEU D 36 -17.77 -5.53 -51.69
N LYS D 37 -17.71 -6.58 -52.51
CA LYS D 37 -18.87 -7.42 -52.73
C LYS D 37 -19.22 -8.10 -51.42
N ALA D 38 -18.20 -8.61 -50.74
CA ALA D 38 -18.39 -9.32 -49.48
C ALA D 38 -19.01 -8.38 -48.44
N LEU D 39 -18.53 -7.12 -48.36
CA LEU D 39 -19.07 -6.16 -47.42
C LEU D 39 -20.53 -5.85 -47.73
N ALA D 40 -20.85 -5.66 -49.01
CA ALA D 40 -22.22 -5.38 -49.42
C ALA D 40 -23.14 -6.54 -49.03
N ASP D 41 -22.72 -7.77 -49.35
CA ASP D 41 -23.51 -8.95 -49.02
C ASP D 41 -23.79 -9.06 -47.52
N MET D 42 -22.81 -8.72 -46.67
CA MET D 42 -23.02 -8.75 -45.23
C MET D 42 -24.08 -7.75 -44.80
N GLY D 43 -24.20 -6.65 -45.53
CA GLY D 43 -25.26 -5.69 -45.23
C GLY D 43 -24.74 -4.28 -44.95
N TYR D 44 -23.45 -4.02 -45.13
CA TYR D 44 -22.94 -2.66 -45.04
C TYR D 44 -23.50 -1.83 -46.18
N THR D 45 -23.75 -0.53 -45.91
CA THR D 45 -24.44 0.33 -46.87
C THR D 45 -23.55 1.45 -47.39
N SER D 46 -22.39 1.69 -46.76
CA SER D 46 -21.49 2.74 -47.21
C SER D 46 -20.06 2.42 -46.82
N ILE D 47 -19.08 3.04 -47.51
CA ILE D 47 -17.68 2.83 -47.20
C ILE D 47 -17.05 4.16 -46.82
N GLU D 48 -16.03 4.13 -45.94
CA GLU D 48 -15.06 5.19 -45.80
C GLU D 48 -13.73 4.67 -46.34
N ALA D 49 -13.18 5.35 -47.34
CA ALA D 49 -11.94 4.92 -47.94
C ALA D 49 -10.76 5.10 -46.99
N ALA D 50 -9.70 4.35 -47.31
CA ALA D 50 -8.45 4.51 -46.61
C ALA D 50 -7.32 4.35 -47.58
N SER D 51 -7.40 4.99 -48.74
CA SER D 51 -6.31 4.90 -49.70
C SER D 51 -6.42 5.99 -50.74
N TYR D 52 -5.98 7.19 -50.39
CA TYR D 52 -6.00 8.31 -51.31
C TYR D 52 -4.56 8.67 -51.66
N ASN D 53 -4.29 8.92 -52.94
CA ASN D 53 -3.00 9.48 -53.29
C ASN D 53 -3.11 10.21 -54.62
N ASP D 54 -2.77 11.50 -54.62
CA ASP D 54 -2.57 12.25 -55.85
C ASP D 54 -3.74 12.02 -56.79
N GLY D 55 -4.96 12.23 -56.29
CA GLY D 55 -6.17 12.24 -57.10
C GLY D 55 -6.76 10.85 -57.33
N LYS D 56 -6.21 9.82 -56.69
CA LYS D 56 -6.65 8.45 -56.96
C LYS D 56 -6.97 7.71 -55.67
N PHE D 57 -7.84 6.70 -55.81
CA PHE D 57 -8.27 5.86 -54.71
C PHE D 57 -7.89 4.42 -55.03
N TYR D 58 -7.09 3.82 -54.15
CA TYR D 58 -6.65 2.45 -54.34
C TYR D 58 -5.99 2.37 -55.71
N GLY D 59 -5.33 3.45 -56.14
CA GLY D 59 -4.65 3.46 -57.43
C GLY D 59 -5.57 3.67 -58.63
N ASN D 60 -6.89 3.81 -58.42
CA ASN D 60 -7.85 4.00 -59.51
C ASN D 60 -8.38 5.43 -59.54
N THR D 61 -9.01 5.80 -60.67
CA THR D 61 -9.62 7.11 -60.78
C THR D 61 -10.76 7.18 -59.77
N PRO D 62 -11.06 8.38 -59.25
CA PRO D 62 -12.25 8.57 -58.44
C PRO D 62 -13.48 7.97 -59.12
N GLU D 63 -13.56 8.15 -60.44
CA GLU D 63 -14.77 7.81 -61.19
C GLU D 63 -14.97 6.28 -61.17
N GLU D 64 -13.89 5.56 -61.44
CA GLU D 64 -13.98 4.11 -61.45
C GLU D 64 -14.21 3.56 -60.04
N PHE D 65 -13.51 4.11 -59.04
CA PHE D 65 -13.68 3.69 -57.66
C PHE D 65 -15.15 3.88 -57.27
N ARG D 66 -15.71 5.02 -57.63
CA ARG D 66 -17.12 5.29 -57.35
C ARG D 66 -18.00 4.27 -58.06
N ARG D 67 -17.66 3.95 -59.31
CA ARG D 67 -18.45 2.96 -60.05
C ARG D 67 -18.39 1.62 -59.33
N ASP D 68 -17.19 1.22 -58.90
CA ASP D 68 -17.00 -0.07 -58.26
C ASP D 68 -17.84 -0.17 -56.99
N VAL D 69 -17.86 0.90 -56.20
CA VAL D 69 -18.54 0.84 -54.92
C VAL D 69 -20.05 0.81 -55.17
N GLU D 70 -20.53 1.71 -56.02
CA GLU D 70 -21.95 1.83 -56.32
C GLU D 70 -22.47 0.58 -56.99
N ALA D 71 -21.60 -0.12 -57.72
CA ALA D 71 -21.98 -1.36 -58.40
C ALA D 71 -22.50 -2.43 -57.43
N VAL D 72 -22.00 -2.43 -56.18
CA VAL D 72 -22.41 -3.45 -55.23
C VAL D 72 -23.47 -2.87 -54.30
N GLY D 73 -23.97 -1.69 -54.64
CA GLY D 73 -25.09 -1.08 -53.95
C GLY D 73 -24.67 -0.30 -52.72
N MET D 74 -23.38 0.01 -52.55
CA MET D 74 -22.97 0.80 -51.40
C MET D 74 -22.69 2.24 -51.80
N LYS D 75 -22.84 3.15 -50.83
CA LYS D 75 -22.58 4.57 -51.02
C LYS D 75 -21.12 4.87 -50.75
N VAL D 76 -20.48 5.68 -51.61
CA VAL D 76 -19.16 6.16 -51.27
C VAL D 76 -19.35 7.41 -50.40
N LEU D 77 -19.12 7.24 -49.09
CA LEU D 77 -19.55 8.21 -48.09
C LEU D 77 -18.41 9.11 -47.65
N SER D 78 -17.28 8.52 -47.29
CA SER D 78 -16.23 9.28 -46.65
C SER D 78 -14.88 8.68 -47.01
N SER D 79 -13.83 9.37 -46.58
CA SER D 79 -12.46 9.01 -46.92
C SER D 79 -11.54 9.55 -45.83
N HIS D 80 -10.50 8.76 -45.49
CA HIS D 80 -9.42 9.22 -44.65
C HIS D 80 -8.25 9.69 -45.52
N CYS D 81 -7.87 10.95 -45.36
CA CYS D 81 -6.65 11.45 -45.99
C CYS D 81 -6.29 12.76 -45.31
N GLY D 82 -5.08 13.21 -45.56
CA GLY D 82 -4.57 14.37 -44.86
C GLY D 82 -3.20 14.77 -45.39
N LYS D 83 -2.73 15.90 -44.88
CA LYS D 83 -1.48 16.55 -45.26
C LYS D 83 -1.06 17.38 -44.05
N GLY D 84 -0.05 16.91 -43.30
CA GLY D 84 0.47 17.62 -42.15
C GLY D 84 1.19 18.89 -42.61
N LEU D 85 1.46 19.80 -41.69
CA LEU D 85 2.21 21.00 -42.03
C LEU D 85 3.69 20.69 -41.82
N SER D 86 4.55 21.18 -42.69
CA SER D 86 5.97 21.06 -42.45
C SER D 86 6.32 21.93 -41.24
N ASP D 87 7.54 21.75 -40.75
CA ASP D 87 8.03 22.55 -39.64
C ASP D 87 8.10 24.01 -40.07
N GLU D 88 8.46 24.26 -41.33
CA GLU D 88 8.60 25.64 -41.78
C GLU D 88 7.21 26.29 -41.87
N GLU D 89 6.20 25.53 -42.31
CA GLU D 89 4.86 26.08 -42.41
C GLU D 89 4.31 26.38 -41.03
N LEU D 90 4.61 25.50 -40.07
CA LEU D 90 4.17 25.64 -38.70
C LEU D 90 4.83 26.88 -38.08
N ALA D 91 6.14 27.05 -38.28
CA ALA D 91 6.88 28.18 -37.72
C ALA D 91 6.45 29.50 -38.37
N SER D 92 6.24 29.52 -39.69
CA SER D 92 5.91 30.75 -40.38
C SER D 92 4.42 31.05 -40.30
N GLY D 93 3.60 30.03 -40.02
CA GLY D 93 2.15 30.19 -40.18
C GLY D 93 1.73 30.32 -41.64
N ASP D 94 2.63 30.06 -42.59
CA ASP D 94 2.28 30.13 -43.99
C ASP D 94 2.07 28.73 -44.57
N PHE D 95 0.82 28.33 -44.73
CA PHE D 95 0.57 26.99 -45.22
C PHE D 95 -0.12 27.08 -46.58
N SER D 96 0.25 28.07 -47.38
CA SER D 96 -0.36 28.28 -48.68
C SER D 96 -0.06 27.10 -49.63
N GLU D 97 1.13 26.50 -49.47
CA GLU D 97 1.54 25.39 -50.33
C GLU D 97 0.65 24.16 -50.06
N SER D 98 0.50 23.81 -48.78
CA SER D 98 -0.36 22.70 -48.40
C SER D 98 -1.77 22.86 -48.94
N MET D 99 -2.27 24.09 -49.05
CA MET D 99 -3.62 24.32 -49.54
C MET D 99 -3.81 23.96 -51.01
N LYS D 100 -2.75 23.96 -51.84
CA LYS D 100 -2.89 23.58 -53.25
C LYS D 100 -3.21 22.09 -53.38
N TRP D 101 -2.51 21.32 -52.54
CA TRP D 101 -2.76 19.90 -52.37
C TRP D 101 -4.26 19.68 -52.12
N TRP D 102 -4.88 20.51 -51.29
CA TRP D 102 -6.28 20.28 -50.92
C TRP D 102 -7.23 20.49 -52.10
N ASP D 103 -6.85 21.37 -53.03
CA ASP D 103 -7.69 21.63 -54.17
C ASP D 103 -7.87 20.36 -54.98
N GLN D 104 -6.79 19.68 -55.32
CA GLN D 104 -6.88 18.43 -56.04
C GLN D 104 -7.58 17.34 -55.21
N CYS D 105 -7.25 17.28 -53.93
CA CYS D 105 -7.84 16.28 -53.05
C CYS D 105 -9.36 16.40 -53.00
N ILE D 106 -9.85 17.64 -52.83
CA ILE D 106 -11.27 17.90 -52.68
C ILE D 106 -12.01 17.59 -53.99
N ALA D 107 -11.39 17.94 -55.13
CA ALA D 107 -11.98 17.66 -56.43
C ALA D 107 -12.11 16.15 -56.66
N ALA D 108 -11.05 15.39 -56.36
CA ALA D 108 -11.05 13.95 -56.50
C ALA D 108 -12.11 13.34 -55.58
N HIS D 109 -12.17 13.78 -54.33
CA HIS D 109 -13.16 13.27 -53.39
C HIS D 109 -14.57 13.55 -53.91
N LYS D 110 -14.80 14.78 -54.35
CA LYS D 110 -16.12 15.12 -54.88
C LYS D 110 -16.44 14.27 -56.11
N ALA D 111 -15.44 14.01 -56.97
CA ALA D 111 -15.66 13.19 -58.15
C ALA D 111 -16.06 11.76 -57.76
N ALA D 112 -15.59 11.28 -56.60
CA ALA D 112 -15.89 9.92 -56.19
C ALA D 112 -17.24 9.85 -55.47
N GLY D 113 -17.92 10.99 -55.31
CA GLY D 113 -19.23 11.05 -54.70
C GLY D 113 -19.17 11.20 -53.18
N MET D 114 -18.01 11.60 -52.63
CA MET D 114 -17.85 11.59 -51.18
C MET D 114 -18.71 12.67 -50.56
N GLU D 115 -19.33 12.39 -49.42
CA GLU D 115 -20.00 13.45 -48.66
C GLU D 115 -19.03 14.08 -47.64
N TYR D 116 -18.03 13.33 -47.18
CA TYR D 116 -17.13 13.81 -46.15
C TYR D 116 -15.69 13.47 -46.53
N ILE D 117 -14.76 14.26 -46.02
CA ILE D 117 -13.35 13.96 -46.01
C ILE D 117 -12.91 14.08 -44.57
N VAL D 118 -12.13 13.11 -44.08
CA VAL D 118 -11.67 13.17 -42.70
C VAL D 118 -10.16 12.97 -42.64
N THR D 119 -9.52 13.89 -41.91
CA THR D 119 -8.12 13.71 -41.59
C THR D 119 -8.03 12.71 -40.44
N PRO D 120 -7.25 11.61 -40.61
CA PRO D 120 -7.22 10.54 -39.62
C PRO D 120 -6.33 10.82 -38.42
N TYR D 121 -5.40 11.77 -38.51
CA TYR D 121 -4.37 11.90 -37.51
C TYR D 121 -3.66 13.23 -37.67
N LEU D 122 -3.52 13.97 -36.55
CA LEU D 122 -2.54 15.03 -36.43
C LEU D 122 -1.75 14.79 -35.14
N PRO D 123 -0.44 15.11 -35.10
CA PRO D 123 0.35 14.92 -33.87
C PRO D 123 -0.06 15.95 -32.83
N VAL D 124 0.22 15.63 -31.57
CA VAL D 124 0.07 16.60 -30.51
C VAL D 124 1.10 17.69 -30.75
N PRO D 125 0.75 18.96 -30.99
CA PRO D 125 1.78 19.98 -31.18
C PRO D 125 2.44 20.28 -29.84
N LYS D 126 3.61 20.93 -29.91
CA LYS D 126 4.40 21.26 -28.73
C LYS D 126 3.84 22.47 -28.00
N THR D 127 3.17 23.40 -28.72
CA THR D 127 2.80 24.70 -28.18
C THR D 127 1.37 25.02 -28.61
N LEU D 128 0.74 25.93 -27.85
CA LEU D 128 -0.59 26.42 -28.16
C LEU D 128 -0.56 27.25 -29.44
N LYS D 129 0.58 27.90 -29.68
CA LYS D 129 0.79 28.64 -30.91
C LYS D 129 0.71 27.66 -32.09
N GLU D 130 1.40 26.52 -31.97
CA GLU D 130 1.35 25.52 -33.03
C GLU D 130 -0.09 25.03 -33.20
N MET D 131 -0.74 24.69 -32.07
CA MET D 131 -2.11 24.24 -32.12
C MET D 131 -2.98 25.25 -32.87
N GLN D 132 -2.83 26.55 -32.57
CA GLN D 132 -3.66 27.56 -33.22
C GLN D 132 -3.46 27.56 -34.73
N THR D 133 -2.20 27.49 -35.18
CA THR D 133 -1.90 27.39 -36.60
C THR D 133 -2.61 26.18 -37.20
N TYR D 134 -2.61 25.03 -36.51
CA TYR D 134 -3.39 23.88 -36.96
C TYR D 134 -4.89 24.21 -37.07
N CYS D 135 -5.43 24.95 -36.11
CA CYS D 135 -6.83 25.34 -36.18
C CYS D 135 -7.10 26.23 -37.40
N ASP D 136 -6.13 27.12 -37.72
CA ASP D 136 -6.23 27.99 -38.88
C ASP D 136 -6.24 27.14 -40.15
N TYR D 137 -5.35 26.15 -40.20
CA TYR D 137 -5.28 25.21 -41.31
C TYR D 137 -6.58 24.43 -41.47
N LEU D 138 -7.08 23.84 -40.37
CA LEU D 138 -8.29 23.03 -40.41
C LEU D 138 -9.47 23.87 -40.87
N ASN D 139 -9.60 25.09 -40.34
CA ASN D 139 -10.67 25.99 -40.79
C ASN D 139 -10.59 26.20 -42.31
N ALA D 140 -9.35 26.43 -42.80
CA ALA D 140 -9.18 26.80 -44.20
C ALA D 140 -9.47 25.61 -45.11
N ILE D 141 -9.07 24.40 -44.70
CA ILE D 141 -9.42 23.19 -45.43
C ILE D 141 -10.94 23.04 -45.46
N GLY D 142 -11.54 23.14 -44.28
CA GLY D 142 -12.98 22.94 -44.13
C GLY D 142 -13.77 23.91 -44.98
N LYS D 143 -13.28 25.15 -45.08
CA LYS D 143 -13.96 26.16 -45.87
C LYS D 143 -13.94 25.79 -47.34
N LYS D 144 -12.79 25.36 -47.87
CA LYS D 144 -12.74 24.91 -49.25
C LYS D 144 -13.63 23.68 -49.43
N CYS D 145 -13.62 22.77 -48.47
CA CYS D 145 -14.53 21.62 -48.55
C CYS D 145 -15.96 22.12 -48.63
N ARG D 146 -16.34 23.09 -47.80
CA ARG D 146 -17.71 23.58 -47.77
C ARG D 146 -18.03 24.21 -49.11
N GLU D 147 -17.08 24.94 -49.69
CA GLU D 147 -17.29 25.53 -51.00
C GLU D 147 -17.56 24.46 -52.06
N ALA D 148 -17.00 23.24 -51.89
CA ALA D 148 -17.21 22.18 -52.88
C ALA D 148 -18.34 21.24 -52.51
N GLY D 149 -19.05 21.53 -51.42
CA GLY D 149 -20.20 20.75 -51.02
C GLY D 149 -19.81 19.53 -50.17
N ILE D 150 -18.64 19.57 -49.50
CA ILE D 150 -18.13 18.45 -48.75
C ILE D 150 -17.95 18.87 -47.29
N LYS D 151 -18.24 17.96 -46.36
CA LYS D 151 -18.00 18.21 -44.95
C LYS D 151 -16.67 17.61 -44.51
N TYR D 152 -15.84 18.47 -43.94
CA TYR D 152 -14.49 18.12 -43.54
C TYR D 152 -14.49 17.85 -42.05
N GLY D 153 -13.78 16.79 -41.65
CA GLY D 153 -13.76 16.35 -40.26
C GLY D 153 -12.36 15.92 -39.84
N TYR D 154 -12.24 15.63 -38.54
CA TYR D 154 -11.02 15.21 -37.90
C TYR D 154 -11.34 13.99 -37.06
N HIS D 155 -10.52 12.96 -37.22
CA HIS D 155 -10.68 11.70 -36.53
C HIS D 155 -9.58 11.56 -35.47
N ASN D 156 -10.01 11.33 -34.22
CA ASN D 156 -9.07 11.26 -33.10
C ASN D 156 -8.55 9.84 -32.89
N HIS D 157 -7.39 9.71 -32.22
CA HIS D 157 -6.99 8.51 -31.49
C HIS D 157 -7.05 8.86 -30.00
N ALA D 158 -6.04 8.46 -29.20
CA ALA D 158 -6.11 8.75 -27.77
C ALA D 158 -5.30 10.00 -27.41
N HIS D 159 -4.31 10.37 -28.24
CA HIS D 159 -3.30 11.36 -27.89
C HIS D 159 -3.93 12.76 -27.80
N GLU D 160 -5.03 12.99 -28.52
CA GLU D 160 -5.66 14.30 -28.49
C GLU D 160 -6.34 14.59 -27.15
N PHE D 161 -6.30 13.65 -26.19
CA PHE D 161 -6.87 13.92 -24.89
C PHE D 161 -5.76 14.39 -23.93
N GLN D 162 -4.52 14.49 -24.44
CA GLN D 162 -3.44 15.09 -23.67
C GLN D 162 -3.59 16.59 -23.72
N LYS D 163 -2.94 17.25 -22.75
CA LYS D 163 -2.87 18.69 -22.71
C LYS D 163 -1.68 19.16 -23.51
N ILE D 164 -1.83 20.39 -24.03
CA ILE D 164 -0.76 21.15 -24.64
C ILE D 164 -0.36 22.24 -23.64
N GLU D 165 0.93 22.26 -23.30
CA GLU D 165 1.50 23.22 -22.36
C GLU D 165 0.80 23.13 -21.03
N ASP D 166 0.29 21.94 -20.74
CA ASP D 166 -0.42 21.67 -19.51
C ASP D 166 -1.60 22.62 -19.32
N LYS D 167 -2.08 23.25 -20.39
CA LYS D 167 -3.27 24.09 -20.30
C LYS D 167 -4.45 23.39 -20.99
N ALA D 168 -4.45 23.36 -22.32
CA ALA D 168 -5.64 23.01 -23.06
C ALA D 168 -5.51 21.57 -23.57
N VAL D 169 -6.60 20.81 -23.43
CA VAL D 169 -6.69 19.48 -24.04
C VAL D 169 -6.78 19.70 -25.54
N MET D 170 -5.99 18.96 -26.31
CA MET D 170 -5.88 19.18 -27.75
C MET D 170 -7.25 19.10 -28.42
N LEU D 171 -8.01 18.03 -28.20
CA LEU D 171 -9.27 17.87 -28.92
C LEU D 171 -10.20 19.05 -28.60
N ASP D 172 -10.23 19.48 -27.34
CA ASP D 172 -11.09 20.57 -26.92
C ASP D 172 -10.63 21.87 -27.59
N TYR D 173 -9.34 22.15 -27.58
CA TYR D 173 -8.80 23.30 -28.27
C TYR D 173 -9.28 23.32 -29.73
N MET D 174 -9.12 22.18 -30.41
CA MET D 174 -9.47 22.03 -31.82
C MET D 174 -10.94 22.35 -32.04
N ILE D 175 -11.80 21.73 -31.22
CA ILE D 175 -13.24 21.92 -31.36
C ILE D 175 -13.59 23.39 -31.12
N GLU D 176 -13.04 23.98 -30.05
CA GLU D 176 -13.37 25.34 -29.65
C GLU D 176 -12.85 26.37 -30.67
N ASN D 177 -11.76 26.08 -31.39
CA ASN D 177 -11.15 27.08 -32.26
C ASN D 177 -11.31 26.75 -33.73
N THR D 178 -12.33 25.96 -34.11
CA THR D 178 -12.71 25.80 -35.50
C THR D 178 -14.19 26.09 -35.61
N ASP D 179 -14.61 26.57 -36.79
CA ASP D 179 -16.03 26.83 -36.99
C ASP D 179 -16.75 25.50 -37.24
N PRO D 180 -17.94 25.31 -36.62
CA PRO D 180 -18.75 24.12 -36.81
C PRO D 180 -18.99 23.72 -38.26
N GLU D 181 -19.13 24.72 -39.15
CA GLU D 181 -19.40 24.42 -40.54
C GLU D 181 -18.11 24.02 -41.23
N ASN D 182 -16.95 24.32 -40.66
CA ASN D 182 -15.69 23.98 -41.29
C ASN D 182 -15.13 22.64 -40.81
N LEU D 183 -15.46 22.24 -39.59
CA LEU D 183 -14.86 21.05 -39.00
C LEU D 183 -15.84 20.38 -38.06
N PHE D 184 -16.07 19.08 -38.31
CA PHE D 184 -16.75 18.23 -37.34
C PHE D 184 -15.72 17.23 -36.84
N ILE D 185 -16.10 16.51 -35.79
CA ILE D 185 -15.28 15.46 -35.26
C ILE D 185 -15.91 14.12 -35.59
N GLU D 186 -15.10 13.27 -36.22
CA GLU D 186 -15.42 11.87 -36.43
C GLU D 186 -14.88 11.13 -35.20
N LEU D 187 -15.74 11.01 -34.18
CA LEU D 187 -15.22 10.61 -32.88
C LEU D 187 -15.07 9.10 -32.89
N ASP D 188 -13.82 8.66 -32.68
CA ASP D 188 -13.54 7.27 -32.44
C ASP D 188 -13.80 7.01 -30.96
N VAL D 189 -14.84 6.25 -30.64
CA VAL D 189 -15.27 6.10 -29.26
C VAL D 189 -14.30 5.20 -28.48
N TYR D 190 -13.71 4.23 -29.16
CA TYR D 190 -12.73 3.37 -28.53
C TYR D 190 -11.51 4.19 -28.09
N TRP D 191 -10.97 5.02 -28.99
CA TRP D 191 -9.78 5.77 -28.64
C TRP D 191 -10.13 6.84 -27.62
N ALA D 192 -11.35 7.40 -27.69
CA ALA D 192 -11.75 8.32 -26.64
C ALA D 192 -11.64 7.61 -25.29
N VAL D 193 -12.19 6.41 -25.18
CA VAL D 193 -12.20 5.70 -23.92
C VAL D 193 -10.76 5.38 -23.50
N MET D 194 -9.92 4.98 -24.46
CA MET D 194 -8.54 4.68 -24.19
C MET D 194 -7.81 5.92 -23.66
N GLY D 195 -8.29 7.11 -24.03
CA GLY D 195 -7.74 8.35 -23.53
C GLY D 195 -8.49 8.89 -22.32
N LYS D 196 -9.36 8.04 -21.72
CA LYS D 196 -10.00 8.27 -20.42
C LYS D 196 -11.11 9.28 -20.57
N ALA D 197 -11.57 9.46 -21.81
CA ALA D 197 -12.60 10.44 -22.11
C ALA D 197 -13.95 9.74 -22.21
N SER D 198 -14.98 10.44 -21.71
CA SER D 198 -16.35 10.00 -21.90
C SER D 198 -16.90 10.51 -23.24
N PRO D 199 -17.21 9.62 -24.20
CA PRO D 199 -17.92 10.05 -25.41
C PRO D 199 -19.13 10.91 -25.10
N VAL D 200 -19.96 10.48 -24.15
CA VAL D 200 -21.21 11.20 -23.92
C VAL D 200 -20.93 12.58 -23.36
N ASP D 201 -20.04 12.70 -22.36
CA ASP D 201 -19.71 14.02 -21.82
C ASP D 201 -19.15 14.92 -22.93
N TYR D 202 -18.34 14.38 -23.85
CA TYR D 202 -17.91 15.20 -24.97
C TYR D 202 -19.13 15.66 -25.77
N PHE D 203 -20.08 14.74 -26.00
CA PHE D 203 -21.25 15.10 -26.78
C PHE D 203 -21.95 16.30 -26.14
N HIS D 204 -22.08 16.30 -24.81
CA HIS D 204 -22.81 17.34 -24.09
C HIS D 204 -22.02 18.65 -24.03
N LYS D 205 -20.69 18.59 -24.12
CA LYS D 205 -19.86 19.77 -24.08
C LYS D 205 -19.80 20.42 -25.47
N TYR D 206 -19.83 19.62 -26.55
CA TYR D 206 -19.75 20.14 -27.92
C TYR D 206 -20.93 19.62 -28.75
N PRO D 207 -22.17 19.96 -28.38
CA PRO D 207 -23.33 19.43 -29.11
C PRO D 207 -23.26 19.76 -30.59
N GLY D 208 -23.66 18.79 -31.43
CA GLY D 208 -23.74 18.97 -32.87
C GLY D 208 -22.38 18.85 -33.58
N ARG D 209 -21.27 18.70 -32.85
CA ARG D 209 -19.99 18.66 -33.56
C ARG D 209 -19.58 17.25 -34.00
N PHE D 210 -20.30 16.20 -33.60
CA PHE D 210 -19.88 14.84 -33.89
C PHE D 210 -20.77 14.25 -34.97
N LYS D 211 -20.52 14.65 -36.22
CA LYS D 211 -21.44 14.33 -37.30
C LYS D 211 -21.26 12.87 -37.74
N MET D 212 -20.14 12.25 -37.37
CA MET D 212 -19.88 10.85 -37.65
C MET D 212 -19.15 10.22 -36.47
N LEU D 213 -19.48 8.96 -36.18
CA LEU D 213 -18.74 8.18 -35.20
C LEU D 213 -17.92 7.11 -35.92
N HIS D 214 -16.70 6.88 -35.41
CA HIS D 214 -16.04 5.58 -35.60
C HIS D 214 -16.49 4.64 -34.50
N ILE D 215 -17.34 3.70 -34.91
CA ILE D 215 -17.75 2.60 -34.05
C ILE D 215 -16.62 1.59 -34.09
N LYS D 216 -15.77 1.70 -33.06
CA LYS D 216 -14.62 0.84 -32.88
C LYS D 216 -14.62 0.29 -31.46
N ASP D 217 -14.00 -0.88 -31.31
CA ASP D 217 -13.83 -1.53 -30.03
C ASP D 217 -12.40 -2.07 -30.09
N ARG D 218 -12.00 -2.86 -29.10
CA ARG D 218 -10.70 -3.54 -29.12
C ARG D 218 -10.63 -4.49 -30.31
N ARG D 219 -11.67 -5.33 -30.44
CA ARG D 219 -11.77 -6.27 -31.56
C ARG D 219 -13.18 -6.11 -32.13
N GLU D 220 -13.95 -7.20 -32.18
CA GLU D 220 -15.33 -7.13 -32.64
C GLU D 220 -16.07 -6.10 -31.82
N ILE D 221 -16.97 -5.38 -32.50
CA ILE D 221 -17.75 -4.32 -31.90
C ILE D 221 -18.65 -4.90 -30.82
N GLY D 222 -18.57 -4.35 -29.62
CA GLY D 222 -19.47 -4.73 -28.54
C GLY D 222 -19.02 -5.99 -27.79
N GLN D 223 -17.76 -6.41 -27.96
CA GLN D 223 -17.32 -7.68 -27.38
C GLN D 223 -16.34 -7.53 -26.21
N SER D 224 -15.66 -6.39 -26.07
CA SER D 224 -14.58 -6.27 -25.08
C SER D 224 -15.08 -5.93 -23.67
N GLY D 225 -16.14 -5.12 -23.60
CA GLY D 225 -16.66 -4.56 -22.37
C GLY D 225 -16.07 -3.17 -22.10
N MET D 226 -15.31 -2.65 -23.08
CA MET D 226 -14.60 -1.39 -22.94
C MET D 226 -15.37 -0.20 -23.54
N VAL D 227 -16.45 -0.42 -24.29
CA VAL D 227 -17.16 0.68 -24.92
C VAL D 227 -18.66 0.57 -24.64
N GLY D 228 -19.24 1.63 -24.09
CA GLY D 228 -20.67 1.67 -23.76
C GLY D 228 -21.51 2.20 -24.92
N PHE D 229 -21.69 1.35 -25.96
CA PHE D 229 -22.38 1.72 -27.19
C PHE D 229 -23.80 2.17 -26.90
N ASP D 230 -24.50 1.49 -25.99
CA ASP D 230 -25.82 1.93 -25.58
C ASP D 230 -25.83 3.44 -25.25
N ALA D 231 -24.99 3.89 -24.32
CA ALA D 231 -25.07 5.29 -23.90
C ALA D 231 -24.68 6.22 -25.06
N ILE D 232 -23.67 5.83 -25.84
CA ILE D 232 -23.20 6.63 -26.95
C ILE D 232 -24.37 6.87 -27.91
N PHE D 233 -25.09 5.81 -28.25
CA PHE D 233 -26.17 5.90 -29.21
C PHE D 233 -27.35 6.66 -28.61
N GLU D 234 -27.55 6.53 -27.30
CA GLU D 234 -28.65 7.21 -26.66
C GLU D 234 -28.45 8.73 -26.71
N ASN D 235 -27.20 9.17 -26.91
CA ASN D 235 -26.88 10.58 -26.91
C ASN D 235 -26.52 11.03 -28.31
N ALA D 236 -26.92 10.26 -29.33
CA ALA D 236 -26.44 10.53 -30.69
C ALA D 236 -27.04 11.82 -31.26
N LYS D 237 -28.28 12.15 -30.85
CA LYS D 237 -28.94 13.40 -31.25
C LYS D 237 -28.17 14.61 -30.70
N THR D 238 -27.80 14.62 -29.44
CA THR D 238 -26.99 15.69 -28.90
C THR D 238 -25.71 15.79 -29.72
N ALA D 239 -25.12 14.62 -30.00
CA ALA D 239 -23.82 14.56 -30.65
C ALA D 239 -23.86 15.22 -32.01
N GLY D 240 -24.98 14.98 -32.72
CA GLY D 240 -25.19 15.43 -34.09
C GLY D 240 -24.88 14.34 -35.11
N VAL D 241 -24.99 13.06 -34.68
CA VAL D 241 -24.61 11.95 -35.55
C VAL D 241 -25.48 11.95 -36.80
N GLU D 242 -24.82 11.90 -37.97
CA GLU D 242 -25.45 11.76 -39.27
C GLU D 242 -25.19 10.38 -39.87
N ASN D 243 -23.99 9.82 -39.60
CA ASN D 243 -23.57 8.53 -40.13
C ASN D 243 -22.65 7.85 -39.12
N ILE D 244 -22.66 6.51 -39.09
CA ILE D 244 -21.78 5.72 -38.26
C ILE D 244 -20.96 4.76 -39.11
N ILE D 245 -19.68 4.62 -38.73
CA ILE D 245 -18.72 3.89 -39.52
C ILE D 245 -18.02 2.87 -38.63
N VAL D 246 -18.20 1.59 -38.96
CA VAL D 246 -17.55 0.53 -38.23
C VAL D 246 -16.07 0.50 -38.64
N GLU D 247 -15.18 0.38 -37.63
CA GLU D 247 -13.76 0.16 -37.84
C GLU D 247 -13.36 -1.03 -36.98
N VAL D 248 -12.61 -1.96 -37.58
CA VAL D 248 -12.08 -3.11 -36.87
C VAL D 248 -10.69 -3.37 -37.42
N GLU D 249 -9.70 -3.40 -36.51
CA GLU D 249 -8.31 -3.47 -36.89
C GLU D 249 -7.64 -4.70 -36.31
N GLN D 250 -8.25 -5.26 -35.26
CA GLN D 250 -7.78 -6.48 -34.62
C GLN D 250 -8.96 -7.42 -34.51
N TYR D 251 -8.70 -8.72 -34.63
CA TYR D 251 -9.74 -9.71 -34.94
C TYR D 251 -9.58 -10.96 -34.07
N SER D 252 -10.73 -11.47 -33.61
CA SER D 252 -10.79 -12.75 -32.95
C SER D 252 -10.97 -13.87 -33.98
N TYR D 253 -11.39 -13.53 -35.21
CA TYR D 253 -11.60 -14.52 -36.25
C TYR D 253 -10.93 -14.09 -37.56
N ASP D 254 -11.20 -14.82 -38.64
CA ASP D 254 -10.96 -14.30 -39.99
C ASP D 254 -11.58 -12.90 -40.12
N VAL D 255 -10.96 -12.05 -40.94
CA VAL D 255 -11.33 -10.64 -41.01
C VAL D 255 -12.81 -10.49 -41.35
N GLU D 256 -13.29 -11.19 -42.37
CA GLU D 256 -14.66 -11.01 -42.83
C GLU D 256 -15.66 -11.33 -41.74
N LYS D 257 -15.43 -12.44 -41.02
CA LYS D 257 -16.32 -12.86 -39.97
C LYS D 257 -16.37 -11.80 -38.88
N SER D 258 -15.18 -11.34 -38.51
CA SER D 258 -15.04 -10.34 -37.47
C SER D 258 -15.82 -9.07 -37.84
N VAL D 259 -15.79 -8.64 -39.12
CA VAL D 259 -16.46 -7.39 -39.45
C VAL D 259 -17.96 -7.64 -39.61
N LYS D 260 -18.35 -8.87 -39.98
CA LYS D 260 -19.74 -9.30 -40.06
C LYS D 260 -20.33 -9.38 -38.64
N LEU D 261 -19.59 -9.93 -37.70
CA LEU D 261 -20.15 -10.04 -36.36
C LEU D 261 -20.32 -8.64 -35.77
N SER D 262 -19.39 -7.74 -36.13
CA SER D 262 -19.46 -6.36 -35.68
C SER D 262 -20.74 -5.68 -36.18
N LEU D 263 -21.03 -5.85 -37.47
CA LEU D 263 -22.25 -5.31 -38.06
C LEU D 263 -23.49 -5.88 -37.35
N ASP D 264 -23.47 -7.20 -37.11
CA ASP D 264 -24.60 -7.89 -36.51
C ASP D 264 -24.93 -7.31 -35.14
N TYR D 265 -23.89 -6.97 -34.38
CA TYR D 265 -24.08 -6.34 -33.08
C TYR D 265 -24.96 -5.09 -33.22
N LEU D 266 -24.62 -4.21 -34.16
CA LEU D 266 -25.39 -2.98 -34.37
C LEU D 266 -26.75 -3.27 -34.94
N LEU D 267 -26.85 -4.27 -35.86
CA LEU D 267 -28.15 -4.61 -36.43
C LEU D 267 -29.07 -5.12 -35.34
N GLU D 268 -28.53 -5.86 -34.38
CA GLU D 268 -29.35 -6.41 -33.30
C GLU D 268 -29.64 -5.37 -32.22
N ALA D 269 -28.75 -4.38 -32.03
CA ALA D 269 -28.90 -3.43 -30.95
C ALA D 269 -30.13 -2.56 -31.17
N PRO D 270 -31.08 -2.52 -30.21
CA PRO D 270 -32.26 -1.65 -30.34
C PRO D 270 -31.89 -0.17 -30.37
N PHE D 271 -30.80 0.19 -29.70
CA PHE D 271 -30.46 1.59 -29.58
C PHE D 271 -29.78 2.10 -30.87
N VAL D 272 -29.52 1.24 -31.86
CA VAL D 272 -29.01 1.73 -33.14
C VAL D 272 -30.18 1.92 -34.11
N LYS D 273 -30.47 3.18 -34.46
CA LYS D 273 -31.53 3.53 -35.41
C LYS D 273 -31.16 3.15 -36.84
N ALA D 274 -32.19 3.07 -37.70
CA ALA D 274 -32.05 2.59 -39.07
C ALA D 274 -31.25 3.59 -39.90
N SER D 275 -31.39 4.87 -39.59
CA SER D 275 -30.70 5.89 -40.32
C SER D 275 -30.43 7.04 -39.39
N TYR D 276 -29.26 7.68 -39.51
CA TYR D 276 -29.00 8.88 -38.73
C TYR D 276 -28.99 10.11 -39.62
N SER D 277 -29.20 9.97 -40.94
CA SER D 277 -29.03 11.13 -41.85
C SER D 277 -30.36 11.70 -42.36
C1 MLI E . 4.85 4.31 37.42
C2 MLI E . 4.63 3.75 36.03
C3 MLI E . 5.18 5.79 37.36
O6 MLI E . 5.57 3.81 35.22
O7 MLI E . 3.52 3.29 35.76
O8 MLI E . 4.37 6.59 37.88
O9 MLI E . 6.25 6.11 36.77
C1 GLC F . 5.70 6.05 12.65
C2 GLC F . 6.09 4.80 13.48
C3 GLC F . 5.23 4.61 14.72
C4 GLC F . 4.56 5.92 15.17
C5 GLC F . 3.71 6.59 14.04
C6 GLC F . 3.50 8.10 14.19
O1 GLC F . 6.14 5.85 11.33
O2 GLC F . 6.05 3.63 12.69
O3 GLC F . 6.10 4.05 15.72
O4 GLC F . 3.68 5.64 16.27
O5 GLC F . 4.28 6.34 12.70
O6 GLC F . 4.68 8.87 14.50
C1 GLC G . -4.62 35.02 33.18
C2 GLC G . -5.69 35.10 32.07
C3 GLC G . -5.42 36.21 31.09
C4 GLC G . -4.77 37.37 31.82
C5 GLC G . -3.37 36.96 32.35
C6 GLC G . -2.95 37.74 33.58
O1 GLC G . -4.50 33.70 33.58
O2 GLC G . -5.78 33.86 31.37
O3 GLC G . -6.64 36.64 30.46
O4 GLC G . -4.67 38.45 30.92
O5 GLC G . -3.37 35.54 32.70
O6 GLC G . -2.09 37.00 34.45
CO CO H . 8.20 4.92 33.94
CO CO I . 17.79 -9.95 9.51
C1 GLC J . 14.47 -12.26 4.34
C2 GLC J . 14.48 -11.76 5.79
C3 GLC J . 15.75 -11.14 6.26
C4 GLC J . 16.99 -11.78 5.65
C5 GLC J . 16.93 -11.65 4.12
C6 GLC J . 17.88 -12.57 3.43
O1 GLC J . 13.31 -11.78 3.68
O2 GLC J . 13.45 -10.82 6.06
O3 GLC J . 15.69 -11.34 7.66
O4 GLC J . 18.18 -11.15 6.14
O5 GLC J . 15.62 -11.94 3.54
O6 GLC J . 17.45 -13.89 3.62
C1 GLC K . 9.81 -14.28 29.07
C2 GLC K . 9.79 -13.00 28.20
C3 GLC K . 9.61 -13.32 26.73
C4 GLC K . 10.12 -14.74 26.39
C5 GLC K . 9.54 -15.90 27.27
C6 GLC K . 10.51 -17.05 27.54
O1 GLC K . 9.24 -14.06 30.32
O2 GLC K . 8.78 -12.08 28.61
O3 GLC K . 10.29 -12.30 25.97
O4 GLC K . 9.70 -15.07 25.09
O5 GLC K . 9.09 -15.41 28.54
O6 GLC K . 11.82 -16.95 26.92
C1 GLC L . 9.40 -28.21 25.30
C2 GLC L . 8.66 -27.29 26.23
C3 GLC L . 7.23 -27.68 26.39
C4 GLC L . 6.93 -28.78 25.40
C5 GLC L . 7.82 -29.96 25.71
C6 GLC L . 7.71 -31.08 24.72
O1 GLC L . 10.73 -27.95 25.39
O2 GLC L . 9.30 -27.39 27.48
O3 GLC L . 6.39 -26.53 26.27
O4 GLC L . 5.59 -29.21 25.47
O5 GLC L . 9.21 -29.55 25.70
O6 GLC L . 8.96 -31.79 24.63
CO CO M . -15.26 0.32 -7.03
C1 GLC N . -12.04 3.11 -1.64
C2 GLC N . -12.05 2.78 -3.12
C3 GLC N . -13.39 2.30 -3.60
C4 GLC N . -14.11 1.34 -2.64
C5 GLC N . -14.19 1.90 -1.21
C6 GLC N . -13.80 0.89 -0.14
O1 GLC N . -11.55 4.43 -1.52
O2 GLC N . -11.73 3.93 -3.90
O3 GLC N . -13.12 1.66 -4.84
O4 GLC N . -15.45 1.09 -3.15
O5 GLC N . -13.33 3.05 -1.01
O6 GLC N . -13.18 1.51 0.99
C1 GLC O . -3.47 -7.98 -22.49
C2 GLC O . -3.94 -6.52 -22.47
C3 GLC O . -3.80 -5.88 -21.08
C4 GLC O . -3.53 -6.95 -19.98
C5 GLC O . -2.32 -7.86 -20.31
C6 GLC O . -2.30 -9.20 -19.56
O1 GLC O . -3.44 -8.43 -23.83
O2 GLC O . -3.31 -5.71 -23.46
O3 GLC O . -5.00 -5.14 -20.88
O4 GLC O . -3.21 -6.32 -18.77
O5 GLC O . -2.23 -8.14 -21.75
O6 GLC O . -3.61 -9.78 -19.26
CO CO P . -10.72 4.51 -36.03
C1 GLC Q . -5.15 4.92 -39.73
C2 GLC Q . -5.75 4.97 -38.33
C3 GLC Q . -7.12 4.35 -38.30
C4 GLC Q . -7.98 4.79 -39.50
C5 GLC Q . -7.28 4.41 -40.84
C6 GLC Q . -7.27 5.51 -41.88
O1 GLC Q . -3.83 4.51 -39.66
O2 GLC Q . -4.90 4.37 -37.37
O3 GLC Q . -7.68 4.76 -37.04
O4 GLC Q . -9.30 4.19 -39.46
O5 GLC Q . -5.88 4.04 -40.60
O6 GLC Q . -6.01 5.67 -42.58
C1 GLC R . -12.51 16.52 -18.23
C2 GLC R . -12.55 15.07 -18.68
C3 GLC R . -11.53 14.74 -19.76
C4 GLC R . -11.59 15.77 -20.90
C5 GLC R . -11.54 17.24 -20.37
C6 GLC R . -11.84 18.28 -21.45
O1 GLC R . -11.36 16.73 -17.50
O2 GLC R . -12.35 14.19 -17.57
O3 GLC R . -11.83 13.41 -20.18
O4 GLC R . -10.52 15.57 -21.84
O5 GLC R . -12.53 17.44 -19.33
O6 GLC R . -13.19 18.20 -22.04
C1 GLC S . -9.83 28.06 -25.42
C2 GLC S . -9.39 29.33 -26.08
C3 GLC S . -7.92 29.30 -26.34
C4 GLC S . -7.24 29.14 -25.00
C5 GLC S . -7.60 27.75 -24.49
C6 GLC S . -6.94 27.43 -23.17
O1 GLC S . -9.70 27.17 -26.44
O2 GLC S . -10.08 29.49 -27.31
O3 GLC S . -7.55 30.49 -27.04
O4 GLC S . -5.84 29.24 -25.08
O5 GLC S . -9.03 27.66 -24.28
O6 GLC S . -7.32 26.14 -22.69
#